data_3LKB
#
_entry.id   3LKB
#
_cell.length_a   76.708
_cell.length_b   83.176
_cell.length_c   122.002
_cell.angle_alpha   90.00
_cell.angle_beta   90.00
_cell.angle_gamma   90.00
#
_symmetry.space_group_name_H-M   'P 21 21 21'
#
loop_
_entity.id
_entity.type
_entity.pdbx_description
1 polymer 'Probable branched-chain amino acid ABC transporter, amino acid binding protein'
2 non-polymer VALINE
3 non-polymer 'ISOPROPYL ALCOHOL'
4 non-polymer 'SODIUM ION'
5 water water
#
_entity_poly.entity_id   1
_entity_poly.type   'polypeptide(L)'
_entity_poly.pdbx_seq_one_letter_code
;MSLGQQQVTLFWSGAITGPTSDAGAPYGAAVEDYCKWANERKLVPGVVFNCVVRDDQYNNANTQRFFEEAVDRFKIPVFL
SYATGANLQLKPLIQELRIPTIPASMHIELIDPPNNDYIFLPTTSYSEQVVALLEYIAREKKGAKVALVVHPSPFGRAPV
EDARKAARELGLQIVDVQEVGSGNLDNTALLKRFEQAGVEYVVHQNVAGPVANILKDAKRLGLKMRHLGAHYTGGPDLIA
LAGDAAEGFLWATSFYMAHEDTPGIRLQKEIGRKYGRPENFIESVNYTNGMLAAAIAVEAIRRAQERFKRITNETVYQAI
VGMNGPNAFKPGFAVSTKQGVEIDFTKSEHTGAEGLRILEAKGGRFVPVTEPFTSALFRKVHYGEGHHHHHH
;
_entity_poly.pdbx_strand_id   A,B
#
# COMPACT_ATOMS: atom_id res chain seq x y z
N LEU A 3 35.72 15.45 -8.33
CA LEU A 3 36.96 14.62 -8.01
C LEU A 3 36.77 13.62 -6.88
N GLY A 4 36.78 12.33 -7.21
CA GLY A 4 36.36 11.30 -6.27
C GLY A 4 34.88 11.03 -6.32
N GLN A 5 34.39 10.22 -5.40
CA GLN A 5 32.97 9.97 -5.24
C GLN A 5 32.19 11.21 -4.86
N GLN A 6 31.09 11.47 -5.54
CA GLN A 6 30.11 12.49 -5.10
C GLN A 6 28.74 11.89 -4.84
N GLN A 7 27.97 12.55 -3.97
CA GLN A 7 26.62 12.11 -3.70
C GLN A 7 25.61 12.81 -4.62
N VAL A 8 24.75 12.00 -5.23
CA VAL A 8 23.64 12.48 -6.04
C VAL A 8 22.26 11.87 -5.62
N THR A 9 21.31 12.76 -5.38
CA THR A 9 20.00 12.37 -4.96
C THR A 9 19.02 12.11 -6.09
N LEU A 10 18.45 10.92 -6.01
CA LEU A 10 17.45 10.49 -6.93
C LEU A 10 16.17 10.51 -6.11
N PHE A 11 15.26 11.42 -6.44
CA PHE A 11 14.11 11.66 -5.61
C PHE A 11 12.79 11.37 -6.37
N TRP A 12 11.95 10.54 -5.78
CA TRP A 12 10.62 10.30 -6.33
C TRP A 12 9.64 10.59 -5.24
N SER A 13 8.53 11.21 -5.61
CA SER A 13 7.42 11.43 -4.65
C SER A 13 6.15 10.94 -5.31
N GLY A 14 5.43 10.02 -4.66
CA GLY A 14 4.21 9.45 -5.23
C GLY A 14 3.48 8.63 -4.18
N ALA A 15 2.43 7.95 -4.63
CA ALA A 15 1.47 7.26 -3.78
C ALA A 15 1.85 5.80 -3.55
N ILE A 16 2.74 5.54 -2.57
CA ILE A 16 3.06 4.20 -2.10
C ILE A 16 1.80 3.67 -1.38
N THR A 17 1.05 4.59 -0.75
CA THR A 17 -0.23 4.24 -0.17
C THR A 17 -1.22 5.28 -0.54
N GLY A 18 -2.49 5.09 -0.18
CA GLY A 18 -3.56 6.03 -0.52
C GLY A 18 -4.04 5.81 -1.93
N PRO A 19 -4.81 6.77 -2.45
CA PRO A 19 -5.47 6.60 -3.76
C PRO A 19 -4.46 6.30 -4.87
N THR A 20 -4.78 5.33 -5.73
CA THR A 20 -3.91 5.06 -6.91
C THR A 20 -2.73 4.16 -6.55
N SER A 21 -2.66 3.75 -5.28
CA SER A 21 -1.50 3.00 -4.81
C SER A 21 -1.32 1.60 -5.44
N ASP A 22 -2.34 1.06 -6.10
CA ASP A 22 -2.13 -0.16 -6.89
C ASP A 22 -0.93 0.01 -7.85
N ALA A 23 -0.72 1.22 -8.32
CA ALA A 23 0.30 1.50 -9.30
C ALA A 23 1.49 2.18 -8.62
N GLY A 24 1.22 3.10 -7.70
CA GLY A 24 2.30 3.80 -7.09
C GLY A 24 3.22 2.94 -6.22
N ALA A 25 2.68 1.88 -5.59
CA ALA A 25 3.50 1.02 -4.75
C ALA A 25 4.63 0.30 -5.55
N PRO A 26 4.25 -0.48 -6.57
CA PRO A 26 5.25 -1.14 -7.41
C PRO A 26 6.15 -0.14 -8.17
N TYR A 27 5.58 0.96 -8.61
CA TYR A 27 6.36 2.03 -9.21
C TYR A 27 7.45 2.59 -8.26
N GLY A 28 7.05 2.94 -7.04
CA GLY A 28 7.98 3.50 -6.08
C GLY A 28 9.03 2.46 -5.82
N ALA A 29 8.60 1.21 -5.71
CA ALA A 29 9.52 0.16 -5.35
C ALA A 29 10.62 0.01 -6.44
N ALA A 30 10.20 0.08 -7.70
CA ALA A 30 11.15 -0.04 -8.83
C ALA A 30 12.17 1.09 -8.78
N VAL A 31 11.75 2.29 -8.42
CA VAL A 31 12.70 3.42 -8.43
C VAL A 31 13.79 3.13 -7.37
N GLU A 32 13.36 2.73 -6.17
CA GLU A 32 14.26 2.48 -5.09
C GLU A 32 15.20 1.35 -5.47
N ASP A 33 14.63 0.28 -6.05
CA ASP A 33 15.44 -0.87 -6.45
C ASP A 33 16.51 -0.59 -7.52
N TYR A 34 16.10 0.11 -8.54
CA TYR A 34 16.99 0.43 -9.62
C TYR A 34 18.14 1.31 -9.14
N CYS A 35 17.78 2.30 -8.30
CA CYS A 35 18.76 3.20 -7.75
C CYS A 35 19.78 2.42 -6.91
N LYS A 36 19.25 1.38 -6.25
CA LYS A 36 20.04 0.49 -5.41
C LYS A 36 21.00 -0.30 -6.27
N TRP A 37 20.46 -0.85 -7.38
CA TRP A 37 21.24 -1.55 -8.41
C TRP A 37 22.28 -0.64 -9.10
N ALA A 38 21.95 0.61 -9.39
CA ALA A 38 22.96 1.57 -9.90
C ALA A 38 24.20 1.62 -9.00
N ASN A 39 24.00 1.67 -7.70
CA ASN A 39 25.10 1.74 -6.72
C ASN A 39 25.95 0.45 -6.69
N GLU A 40 25.28 -0.71 -6.65
CA GLU A 40 25.94 -2.03 -6.63
C GLU A 40 26.75 -2.31 -7.90
N ARG A 41 26.26 -1.89 -9.05
CA ARG A 41 26.94 -2.15 -10.31
C ARG A 41 27.79 -0.97 -10.77
N LYS A 42 27.81 0.10 -9.99
CA LYS A 42 28.56 1.31 -10.36
C LYS A 42 28.29 1.75 -11.82
N LEU A 43 27.02 1.85 -12.14
CA LEU A 43 26.58 2.30 -13.44
C LEU A 43 27.07 3.70 -13.76
N VAL A 44 27.18 4.57 -12.78
CA VAL A 44 27.77 5.87 -13.05
C VAL A 44 29.05 6.04 -12.26
N PRO A 45 30.16 5.96 -12.95
CA PRO A 45 31.42 5.99 -12.23
C PRO A 45 31.59 7.30 -11.51
N GLY A 46 31.94 7.21 -10.23
CA GLY A 46 32.21 8.34 -9.37
C GLY A 46 30.99 8.92 -8.67
N VAL A 47 29.85 8.24 -8.72
CA VAL A 47 28.62 8.77 -8.14
C VAL A 47 27.95 7.76 -7.21
N VAL A 48 27.69 8.12 -5.97
CA VAL A 48 26.77 7.25 -5.21
C VAL A 48 25.41 7.90 -5.13
N PHE A 49 24.38 7.15 -5.52
CA PHE A 49 23.03 7.67 -5.47
C PHE A 49 22.48 7.59 -4.06
N ASN A 50 22.01 8.74 -3.59
CA ASN A 50 21.17 8.80 -2.43
C ASN A 50 19.69 8.66 -2.91
N CYS A 51 19.06 7.58 -2.50
CA CYS A 51 17.76 7.23 -3.01
C CYS A 51 16.66 7.74 -2.08
N VAL A 52 15.90 8.73 -2.52
CA VAL A 52 14.86 9.25 -1.70
C VAL A 52 13.49 9.02 -2.35
N VAL A 53 12.71 8.15 -1.70
CA VAL A 53 11.41 7.71 -2.18
C VAL A 53 10.37 8.09 -1.15
N ARG A 54 9.54 9.11 -1.48
CA ARG A 54 8.55 9.63 -0.51
C ARG A 54 7.14 9.22 -0.92
N ASP A 55 6.38 8.78 0.06
CA ASP A 55 5.00 8.53 -0.09
C ASP A 55 4.22 9.82 0.20
N ASP A 56 3.69 10.45 -0.86
CA ASP A 56 2.82 11.60 -0.71
C ASP A 56 1.35 11.25 -0.62
N GLN A 57 1.01 9.96 -0.74
CA GLN A 57 -0.38 9.47 -0.69
C GLN A 57 -1.35 10.20 -1.63
N TYR A 58 -0.85 10.69 -2.75
CA TYR A 58 -1.68 11.36 -3.74
C TYR A 58 -2.19 12.68 -3.22
N ASN A 59 -1.51 13.26 -2.24
CA ASN A 59 -1.89 14.54 -1.72
C ASN A 59 -0.90 15.60 -2.24
N ASN A 60 -1.40 16.47 -3.10
CA ASN A 60 -0.60 17.47 -3.79
C ASN A 60 0.22 18.38 -2.86
N ALA A 61 -0.31 18.72 -1.67
CA ALA A 61 0.42 19.48 -0.64
C ALA A 61 1.60 18.72 -0.04
N ASN A 62 1.43 17.43 0.21
CA ASN A 62 2.59 16.62 0.55
C ASN A 62 3.61 16.67 -0.60
N THR A 63 3.17 16.47 -1.85
CA THR A 63 4.12 16.44 -2.98
C THR A 63 4.92 17.76 -3.12
N GLN A 64 4.26 18.89 -2.91
CA GLN A 64 4.92 20.18 -3.04
C GLN A 64 5.96 20.33 -1.95
N ARG A 65 5.59 19.92 -0.73
CA ARG A 65 6.50 20.07 0.40
C ARG A 65 7.69 19.19 0.13
N PHE A 66 7.46 17.97 -0.33
CA PHE A 66 8.59 17.05 -0.56
C PHE A 66 9.51 17.52 -1.69
N PHE A 67 8.93 18.16 -2.70
CA PHE A 67 9.68 18.70 -3.79
C PHE A 67 10.52 19.89 -3.38
N GLU A 68 9.93 20.78 -2.58
CA GLU A 68 10.67 21.95 -2.10
C GLU A 68 11.86 21.56 -1.24
N GLU A 69 11.64 20.61 -0.32
CA GLU A 69 12.70 20.04 0.50
C GLU A 69 13.75 19.45 -0.40
N ALA A 70 13.34 18.63 -1.36
CA ALA A 70 14.27 17.99 -2.27
C ALA A 70 15.05 18.98 -3.16
N VAL A 71 14.48 20.13 -3.50
CA VAL A 71 15.24 21.05 -4.32
C VAL A 71 16.25 21.80 -3.42
N ASP A 72 15.75 22.26 -2.27
CA ASP A 72 16.54 23.04 -1.29
C ASP A 72 17.67 22.30 -0.54
N ARG A 73 17.38 21.06 -0.14
CA ARG A 73 18.25 20.31 0.71
C ARG A 73 19.05 19.27 -0.05
N PHE A 74 18.41 18.61 -1.02
CA PHE A 74 19.10 17.57 -1.78
C PHE A 74 19.65 18.01 -3.16
N LYS A 75 19.42 19.27 -3.56
CA LYS A 75 19.98 19.83 -4.81
C LYS A 75 19.72 18.96 -6.02
N ILE A 76 18.53 18.38 -6.10
CA ILE A 76 18.23 17.45 -7.19
C ILE A 76 18.42 18.03 -8.59
N PRO A 77 19.10 17.30 -9.48
CA PRO A 77 19.23 17.65 -10.87
C PRO A 77 18.08 17.13 -11.79
N VAL A 78 17.23 16.28 -11.22
CA VAL A 78 16.03 15.66 -11.88
C VAL A 78 14.97 15.38 -10.80
N PHE A 79 13.71 15.29 -11.20
CA PHE A 79 12.56 15.05 -10.33
C PHE A 79 11.82 13.92 -11.01
N LEU A 80 11.71 12.79 -10.33
CA LEU A 80 10.84 11.67 -10.70
C LEU A 80 9.51 11.93 -10.00
N SER A 81 8.45 12.20 -10.77
CA SER A 81 7.20 12.59 -10.15
C SER A 81 6.13 11.58 -10.47
N TYR A 82 4.91 11.86 -10.00
CA TYR A 82 3.86 10.87 -10.02
C TYR A 82 2.53 11.41 -10.52
N ALA A 83 1.71 11.97 -9.65
CA ALA A 83 0.33 12.33 -9.92
C ALA A 83 0.12 13.42 -10.96
N THR A 84 -0.91 13.27 -11.76
CA THR A 84 -1.31 14.27 -12.73
C THR A 84 -1.60 15.61 -12.07
N GLY A 85 -2.35 15.59 -10.99
CA GLY A 85 -2.80 16.77 -10.34
C GLY A 85 -1.63 17.52 -9.80
N ALA A 86 -0.71 16.77 -9.22
CA ALA A 86 0.49 17.34 -8.63
C ALA A 86 1.36 17.96 -9.67
N ASN A 87 1.64 17.22 -10.75
CA ASN A 87 2.44 17.74 -11.85
C ASN A 87 1.85 18.98 -12.47
N LEU A 88 0.53 18.98 -12.74
CA LEU A 88 -0.14 20.24 -13.19
C LEU A 88 0.16 21.46 -12.30
N GLN A 89 0.06 21.27 -11.00
CA GLN A 89 0.21 22.29 -10.01
C GLN A 89 1.66 22.78 -9.93
N LEU A 90 2.63 21.87 -9.99
CA LEU A 90 4.07 22.22 -9.99
C LEU A 90 4.68 22.71 -11.30
N LYS A 91 3.96 22.61 -12.43
CA LYS A 91 4.53 23.06 -13.73
C LYS A 91 5.19 24.47 -13.66
N PRO A 92 4.47 25.50 -13.15
CA PRO A 92 5.13 26.84 -13.08
C PRO A 92 6.47 26.83 -12.33
N LEU A 93 6.53 26.10 -11.23
CA LEU A 93 7.73 26.03 -10.42
C LEU A 93 8.82 25.17 -11.10
N ILE A 94 8.41 24.07 -11.73
CA ILE A 94 9.38 23.25 -12.47
C ILE A 94 10.10 24.06 -13.56
N GLN A 95 9.30 24.72 -14.37
CA GLN A 95 9.72 25.69 -15.37
C GLN A 95 10.66 26.75 -14.76
N GLU A 96 10.26 27.35 -13.64
CA GLU A 96 11.07 28.47 -13.05
C GLU A 96 12.44 27.98 -12.65
N LEU A 97 12.51 26.85 -11.99
CA LEU A 97 13.81 26.38 -11.60
C LEU A 97 14.49 25.43 -12.57
N ARG A 98 13.87 25.23 -13.75
CA ARG A 98 14.49 24.45 -14.82
C ARG A 98 14.96 23.05 -14.38
N ILE A 99 14.19 22.31 -13.60
CA ILE A 99 14.61 20.93 -13.40
C ILE A 99 13.83 19.88 -14.20
N PRO A 100 14.54 19.13 -15.06
CA PRO A 100 13.92 18.03 -15.83
C PRO A 100 13.13 17.11 -14.95
N THR A 101 11.94 16.74 -15.40
CA THR A 101 10.98 16.04 -14.57
C THR A 101 10.41 14.93 -15.37
N ILE A 102 10.52 13.72 -14.85
CA ILE A 102 10.02 12.57 -15.55
C ILE A 102 8.85 12.01 -14.75
N PRO A 103 7.61 12.22 -15.22
CA PRO A 103 6.41 11.79 -14.49
C PRO A 103 5.93 10.35 -14.80
N ALA A 104 5.37 9.69 -13.79
CA ALA A 104 4.53 8.51 -13.98
C ALA A 104 3.22 8.87 -14.68
N SER A 105 2.71 10.08 -14.45
CA SER A 105 1.54 10.54 -15.12
C SER A 105 1.86 10.61 -16.61
N MET A 106 0.93 10.15 -17.44
CA MET A 106 1.13 10.23 -18.86
C MET A 106 0.14 11.25 -19.48
N HIS A 107 -0.09 12.34 -18.78
CA HIS A 107 -1.08 13.24 -19.28
C HIS A 107 -0.43 14.19 -20.28
N ILE A 108 -1.00 14.29 -21.48
CA ILE A 108 -0.35 15.08 -22.53
C ILE A 108 -0.20 16.59 -22.21
N GLU A 109 -1.17 17.09 -21.44
CA GLU A 109 -1.19 18.48 -21.00
C GLU A 109 0.11 18.90 -20.29
N LEU A 110 0.78 17.93 -19.70
CA LEU A 110 2.04 18.19 -19.01
C LEU A 110 3.15 18.68 -19.93
N ILE A 111 3.18 18.22 -21.18
CA ILE A 111 4.21 18.65 -22.12
C ILE A 111 3.66 19.68 -23.14
N ASP A 112 2.46 20.20 -22.87
CA ASP A 112 1.86 21.29 -23.67
C ASP A 112 2.12 22.62 -22.98
N PRO A 113 2.18 23.71 -23.74
CA PRO A 113 2.50 25.06 -23.22
C PRO A 113 1.39 25.56 -22.36
N PRO A 114 1.69 26.46 -21.41
CA PRO A 114 3.05 26.98 -21.09
C PRO A 114 3.77 26.04 -20.13
N ASN A 115 5.00 26.41 -19.71
CA ASN A 115 5.73 25.79 -18.61
C ASN A 115 6.06 24.31 -18.86
N ASN A 116 6.36 24.01 -20.10
CA ASN A 116 6.56 22.64 -20.57
C ASN A 116 7.99 22.31 -21.06
N ASP A 117 8.94 23.23 -20.92
CA ASP A 117 10.27 22.97 -21.46
C ASP A 117 11.04 21.82 -20.76
N TYR A 118 10.69 21.55 -19.50
CA TYR A 118 11.45 20.57 -18.67
C TYR A 118 10.75 19.28 -18.27
N ILE A 119 9.62 18.96 -18.90
CA ILE A 119 8.87 17.77 -18.49
C ILE A 119 8.95 16.73 -19.57
N PHE A 120 9.37 15.51 -19.23
CA PHE A 120 9.54 14.49 -20.25
C PHE A 120 8.77 13.24 -19.92
N LEU A 121 7.83 12.89 -20.81
CA LEU A 121 6.99 11.72 -20.68
C LEU A 121 7.76 10.49 -21.18
N PRO A 122 7.89 9.45 -20.33
CA PRO A 122 8.62 8.28 -20.77
C PRO A 122 7.87 7.53 -21.85
N THR A 123 6.53 7.57 -21.82
CA THR A 123 5.73 6.84 -22.83
C THR A 123 4.55 7.60 -23.40
N THR A 124 3.78 6.95 -24.26
CA THR A 124 2.56 7.54 -24.81
C THR A 124 1.63 8.11 -23.74
N SER A 125 0.78 9.04 -24.14
CA SER A 125 -0.06 9.77 -23.21
C SER A 125 -1.36 8.98 -23.01
N TYR A 126 -2.11 9.33 -21.96
CA TYR A 126 -3.45 8.78 -21.73
C TYR A 126 -4.34 9.01 -22.94
N SER A 127 -4.30 10.23 -23.47
CA SER A 127 -5.04 10.58 -24.69
C SER A 127 -4.77 9.70 -25.93
N GLU A 128 -3.50 9.51 -26.29
CA GLU A 128 -3.18 8.65 -27.43
C GLU A 128 -3.73 7.23 -27.20
N GLN A 129 -3.49 6.71 -25.99
CA GLN A 129 -3.97 5.41 -25.53
C GLN A 129 -5.47 5.31 -25.73
N VAL A 130 -6.21 6.25 -25.19
CA VAL A 130 -7.63 6.24 -25.28
C VAL A 130 -8.16 6.37 -26.73
N VAL A 131 -7.60 7.27 -27.51
CA VAL A 131 -7.87 7.39 -28.91
C VAL A 131 -7.47 6.12 -29.70
N ALA A 132 -6.38 5.48 -29.32
CA ALA A 132 -6.01 4.26 -29.97
C ALA A 132 -7.06 3.18 -29.76
N LEU A 133 -7.50 3.04 -28.53
CA LEU A 133 -8.62 2.17 -28.20
C LEU A 133 -9.94 2.50 -28.97
N LEU A 134 -10.28 3.77 -29.07
CA LEU A 134 -11.48 4.16 -29.82
C LEU A 134 -11.33 3.77 -31.26
N GLU A 135 -10.12 3.88 -31.80
CA GLU A 135 -9.91 3.53 -33.20
C GLU A 135 -10.22 2.04 -33.30
N TYR A 136 -9.65 1.28 -32.39
CA TYR A 136 -9.86 -0.13 -32.35
C TYR A 136 -11.39 -0.43 -32.24
N ILE A 137 -12.11 0.30 -31.38
CA ILE A 137 -13.56 0.13 -31.33
C ILE A 137 -14.25 0.35 -32.70
N ALA A 138 -13.89 1.44 -33.40
CA ALA A 138 -14.55 1.84 -34.66
C ALA A 138 -14.25 0.82 -35.78
N ARG A 139 -13.05 0.24 -35.79
CA ARG A 139 -12.76 -0.85 -36.73
C ARG A 139 -13.68 -2.04 -36.50
N GLU A 140 -13.99 -2.36 -35.24
CA GLU A 140 -14.86 -3.51 -34.92
C GLU A 140 -16.30 -3.27 -35.30
N LYS A 141 -16.81 -2.06 -35.02
CA LYS A 141 -18.23 -1.79 -35.06
C LYS A 141 -18.45 -0.31 -35.24
N LYS A 142 -18.98 0.10 -36.41
CA LYS A 142 -19.28 1.51 -36.72
C LYS A 142 -20.49 1.94 -35.97
N GLY A 143 -20.43 3.20 -35.55
CA GLY A 143 -21.51 3.83 -34.82
C GLY A 143 -21.65 3.28 -33.42
N ALA A 144 -20.60 2.59 -32.93
CA ALA A 144 -20.68 1.92 -31.62
C ALA A 144 -20.96 2.87 -30.48
N LYS A 145 -21.80 2.45 -29.54
CA LYS A 145 -22.04 3.26 -28.38
C LYS A 145 -21.00 2.93 -27.33
N VAL A 146 -20.33 3.95 -26.81
CA VAL A 146 -19.28 3.76 -25.84
C VAL A 146 -19.48 4.63 -24.61
N ALA A 147 -19.07 4.11 -23.46
CA ALA A 147 -19.16 4.85 -22.22
C ALA A 147 -17.74 4.97 -21.69
N LEU A 148 -17.43 6.08 -21.07
CA LEU A 148 -16.17 6.24 -20.43
C LEU A 148 -16.40 6.14 -18.94
N VAL A 149 -15.53 5.39 -18.25
CA VAL A 149 -15.47 5.35 -16.78
C VAL A 149 -14.06 5.69 -16.29
N VAL A 150 -13.98 6.61 -15.35
CA VAL A 150 -12.83 7.42 -15.14
C VAL A 150 -12.63 7.69 -13.66
N HIS A 151 -11.37 7.72 -13.24
CA HIS A 151 -11.04 7.96 -11.86
C HIS A 151 -11.42 9.41 -11.55
N PRO A 152 -11.88 9.65 -10.29
CA PRO A 152 -12.37 11.01 -9.97
C PRO A 152 -11.19 11.90 -9.66
N SER A 153 -10.49 12.36 -10.67
CA SER A 153 -9.36 13.23 -10.43
C SER A 153 -8.96 13.74 -11.74
N PRO A 154 -8.07 14.72 -11.75
CA PRO A 154 -7.40 15.18 -12.96
C PRO A 154 -6.86 13.98 -13.76
N PHE A 155 -6.30 12.97 -13.08
CA PHE A 155 -5.86 11.71 -13.74
C PHE A 155 -6.96 10.97 -14.54
N GLY A 156 -8.10 10.72 -13.95
CA GLY A 156 -9.20 10.18 -14.68
C GLY A 156 -9.73 11.03 -15.79
N ARG A 157 -9.81 12.31 -15.55
CA ARG A 157 -10.32 13.22 -16.53
C ARG A 157 -9.37 13.56 -17.67
N ALA A 158 -8.09 13.33 -17.52
CA ALA A 158 -7.10 13.65 -18.54
C ALA A 158 -7.43 13.41 -20.01
N PRO A 159 -7.83 12.20 -20.35
CA PRO A 159 -8.03 11.94 -21.77
C PRO A 159 -9.47 12.18 -22.27
N VAL A 160 -10.37 12.60 -21.38
CA VAL A 160 -11.77 12.79 -21.75
C VAL A 160 -12.03 13.69 -22.97
N GLU A 161 -11.46 14.89 -23.01
CA GLU A 161 -11.63 15.76 -24.17
C GLU A 161 -11.08 15.21 -25.52
N ASP A 162 -9.90 14.60 -25.50
CA ASP A 162 -9.37 13.99 -26.73
C ASP A 162 -10.24 12.84 -27.17
N ALA A 163 -10.87 12.16 -26.23
CA ALA A 163 -11.77 11.07 -26.58
C ALA A 163 -13.06 11.57 -27.24
N ARG A 164 -13.63 12.65 -26.73
CA ARG A 164 -14.86 13.16 -27.28
C ARG A 164 -14.57 13.57 -28.71
N LYS A 165 -13.51 14.33 -28.92
CA LYS A 165 -13.33 14.75 -30.27
C LYS A 165 -12.93 13.62 -31.20
N ALA A 166 -12.18 12.61 -30.72
CA ALA A 166 -11.90 11.42 -31.52
C ALA A 166 -13.16 10.63 -31.82
N ALA A 167 -14.07 10.51 -30.85
CA ALA A 167 -15.30 9.76 -31.04
C ALA A 167 -16.12 10.39 -32.14
N ARG A 168 -16.15 11.71 -32.12
CA ARG A 168 -16.83 12.45 -33.13
C ARG A 168 -16.21 12.10 -34.49
N GLU A 169 -14.88 12.14 -34.59
CA GLU A 169 -14.25 11.94 -35.89
C GLU A 169 -14.49 10.57 -36.47
N LEU A 170 -14.67 9.58 -35.59
CA LEU A 170 -14.78 8.17 -35.94
C LEU A 170 -16.21 7.74 -36.12
N GLY A 171 -17.15 8.63 -35.80
CA GLY A 171 -18.55 8.32 -35.85
C GLY A 171 -19.06 7.46 -34.69
N LEU A 172 -18.43 7.55 -33.52
CA LEU A 172 -18.86 6.77 -32.35
C LEU A 172 -19.69 7.66 -31.45
N GLN A 173 -20.50 7.09 -30.60
CA GLN A 173 -21.11 7.98 -29.64
C GLN A 173 -20.75 7.69 -28.21
N ILE A 174 -20.18 8.68 -27.57
CA ILE A 174 -19.93 8.62 -26.16
C ILE A 174 -21.24 8.95 -25.51
N VAL A 175 -21.85 7.99 -24.83
CA VAL A 175 -23.20 8.21 -24.30
C VAL A 175 -23.21 8.63 -22.80
N ASP A 176 -22.15 8.27 -22.08
CA ASP A 176 -22.01 8.72 -20.71
C ASP A 176 -20.56 8.79 -20.38
N VAL A 177 -20.23 9.66 -19.43
CA VAL A 177 -19.01 9.59 -18.69
C VAL A 177 -19.23 9.73 -17.18
N GLN A 178 -18.78 8.69 -16.51
CA GLN A 178 -18.91 8.50 -15.10
C GLN A 178 -17.56 8.42 -14.41
N GLU A 179 -17.49 8.97 -13.24
CA GLU A 179 -16.35 8.94 -12.39
C GLU A 179 -16.55 7.87 -11.33
N VAL A 180 -15.66 6.89 -11.28
CA VAL A 180 -15.67 5.83 -10.28
C VAL A 180 -14.30 5.66 -9.63
N GLY A 181 -14.26 5.79 -8.31
CA GLY A 181 -13.06 5.61 -7.53
C GLY A 181 -12.90 4.32 -6.78
N SER A 182 -11.94 4.23 -5.90
CA SER A 182 -11.74 2.99 -5.19
C SER A 182 -12.85 2.85 -4.14
N GLY A 183 -13.15 1.63 -3.72
CA GLY A 183 -14.25 1.43 -2.81
C GLY A 183 -15.57 1.25 -3.54
N ASN A 184 -15.52 1.07 -4.87
CA ASN A 184 -16.73 0.80 -5.66
C ASN A 184 -17.18 -0.67 -5.54
N LEU A 185 -17.65 -1.01 -4.35
CA LEU A 185 -18.10 -2.39 -4.04
C LEU A 185 -19.27 -2.89 -4.91
N ASP A 186 -20.09 -1.96 -5.37
CA ASP A 186 -21.28 -2.33 -6.09
C ASP A 186 -21.61 -1.33 -7.21
N ASN A 187 -21.42 -1.79 -8.42
CA ASN A 187 -21.47 -1.03 -9.64
C ASN A 187 -22.68 -1.44 -10.44
N THR A 188 -23.55 -2.27 -9.85
CA THR A 188 -24.86 -2.66 -10.43
C THR A 188 -25.63 -1.51 -11.07
N ALA A 189 -25.94 -0.47 -10.31
CA ALA A 189 -26.66 0.65 -10.86
C ALA A 189 -25.98 1.25 -12.11
N LEU A 190 -24.66 1.38 -12.06
CA LEU A 190 -23.99 2.06 -13.13
C LEU A 190 -24.04 1.18 -14.35
N LEU A 191 -23.75 -0.09 -14.17
CA LEU A 191 -23.80 -1.03 -15.27
C LEU A 191 -25.22 -1.17 -15.88
N LYS A 192 -26.25 -1.20 -15.03
CA LYS A 192 -27.67 -1.23 -15.49
C LYS A 192 -28.04 0.03 -16.30
N ARG A 193 -27.55 1.19 -15.88
CA ARG A 193 -27.66 2.43 -16.65
C ARG A 193 -27.08 2.29 -18.06
N PHE A 194 -25.86 1.76 -18.15
CA PHE A 194 -25.18 1.51 -19.46
C PHE A 194 -25.94 0.54 -20.35
N GLU A 195 -26.40 -0.55 -19.75
CA GLU A 195 -27.16 -1.53 -20.46
C GLU A 195 -28.46 -0.89 -21.02
N GLN A 196 -29.15 -0.04 -20.26
CA GLN A 196 -30.41 0.58 -20.74
C GLN A 196 -30.17 1.49 -21.95
N ALA A 197 -29.05 2.20 -21.87
CA ALA A 197 -28.69 3.16 -22.90
C ALA A 197 -28.04 2.45 -24.07
N GLY A 198 -27.93 1.13 -24.00
CA GLY A 198 -27.33 0.34 -25.10
C GLY A 198 -25.82 0.48 -25.29
N VAL A 199 -25.09 0.83 -24.23
CA VAL A 199 -23.64 0.88 -24.27
C VAL A 199 -23.08 -0.47 -24.70
N GLU A 200 -22.06 -0.47 -25.57
CA GLU A 200 -21.53 -1.73 -26.06
C GLU A 200 -20.06 -1.90 -25.75
N TYR A 201 -19.43 -0.78 -25.37
CA TYR A 201 -18.01 -0.76 -25.12
C TYR A 201 -17.84 0.19 -23.98
N VAL A 202 -17.16 -0.26 -22.96
CA VAL A 202 -16.77 0.65 -21.90
C VAL A 202 -15.26 0.85 -21.90
N VAL A 203 -14.83 2.10 -22.00
CA VAL A 203 -13.41 2.40 -21.95
C VAL A 203 -13.09 2.94 -20.57
N HIS A 204 -12.08 2.37 -19.93
CA HIS A 204 -11.69 2.81 -18.57
C HIS A 204 -10.42 3.64 -18.51
N GLN A 205 -10.42 4.69 -17.70
CA GLN A 205 -9.18 5.37 -17.32
C GLN A 205 -9.09 5.36 -15.82
N ASN A 206 -8.29 4.45 -15.29
CA ASN A 206 -8.30 4.26 -13.86
C ASN A 206 -7.09 3.45 -13.44
N VAL A 207 -6.95 3.17 -12.15
CA VAL A 207 -6.04 2.13 -11.71
C VAL A 207 -6.86 0.86 -11.72
N ALA A 208 -6.21 -0.25 -11.43
CA ALA A 208 -6.80 -1.56 -11.61
C ALA A 208 -7.92 -1.98 -10.64
N GLY A 209 -7.88 -1.58 -9.36
CA GLY A 209 -8.90 -2.02 -8.36
C GLY A 209 -10.33 -1.58 -8.70
N PRO A 210 -10.55 -0.28 -8.98
CA PRO A 210 -11.93 0.06 -9.45
C PRO A 210 -12.38 -0.68 -10.72
N VAL A 211 -11.46 -0.85 -11.67
CA VAL A 211 -11.81 -1.56 -12.90
C VAL A 211 -12.19 -3.03 -12.60
N ALA A 212 -11.36 -3.72 -11.82
CA ALA A 212 -11.62 -5.09 -11.41
C ALA A 212 -13.01 -5.26 -10.79
N ASN A 213 -13.37 -4.33 -9.92
CA ASN A 213 -14.69 -4.37 -9.29
C ASN A 213 -15.83 -4.29 -10.30
N ILE A 214 -15.68 -3.37 -11.26
CA ILE A 214 -16.66 -3.24 -12.31
C ILE A 214 -16.78 -4.55 -13.13
N LEU A 215 -15.64 -5.16 -13.51
CA LEU A 215 -15.65 -6.40 -14.30
C LEU A 215 -16.28 -7.54 -13.54
N LYS A 216 -15.96 -7.67 -12.26
CA LYS A 216 -16.56 -8.68 -11.41
C LYS A 216 -18.07 -8.56 -11.43
N ASP A 217 -18.58 -7.35 -11.27
CA ASP A 217 -20.02 -7.14 -11.31
C ASP A 217 -20.58 -7.40 -12.72
N ALA A 218 -19.89 -6.91 -13.77
CA ALA A 218 -20.28 -7.20 -15.16
C ALA A 218 -20.47 -8.69 -15.45
N LYS A 219 -19.49 -9.48 -15.07
CA LYS A 219 -19.56 -10.93 -15.15
C LYS A 219 -20.80 -11.48 -14.39
N ARG A 220 -20.92 -11.12 -13.11
CA ARG A 220 -22.01 -11.53 -12.23
C ARG A 220 -23.35 -11.33 -12.92
N LEU A 221 -23.54 -10.14 -13.50
CA LEU A 221 -24.80 -9.81 -14.15
C LEU A 221 -25.00 -10.39 -15.56
N GLY A 222 -23.95 -11.04 -16.10
CA GLY A 222 -23.96 -11.57 -17.47
C GLY A 222 -24.00 -10.58 -18.62
N LEU A 223 -23.38 -9.40 -18.49
CA LEU A 223 -23.51 -8.40 -19.57
C LEU A 223 -22.56 -8.68 -20.74
N LYS A 224 -22.91 -8.15 -21.91
CA LYS A 224 -22.11 -8.37 -23.11
C LYS A 224 -21.18 -7.19 -23.52
N MET A 225 -21.21 -6.09 -22.77
CA MET A 225 -20.39 -4.96 -23.16
C MET A 225 -18.94 -5.39 -23.07
N ARG A 226 -18.15 -4.89 -23.99
CA ARG A 226 -16.72 -5.06 -23.97
C ARG A 226 -16.03 -3.95 -23.15
N HIS A 227 -15.03 -4.33 -22.34
CA HIS A 227 -14.20 -3.38 -21.61
C HIS A 227 -12.76 -3.23 -22.14
N LEU A 228 -12.33 -1.97 -22.17
CA LEU A 228 -11.01 -1.58 -22.65
C LEU A 228 -10.45 -0.56 -21.67
N GLY A 229 -9.15 -0.28 -21.75
CA GLY A 229 -8.56 0.60 -20.76
C GLY A 229 -7.16 1.03 -21.09
N ALA A 230 -6.79 2.18 -20.55
CA ALA A 230 -5.54 2.80 -20.78
C ALA A 230 -4.50 2.25 -19.80
N HIS A 231 -3.31 2.81 -19.84
CA HIS A 231 -2.16 2.18 -19.23
C HIS A 231 -2.33 1.57 -17.81
N TYR A 232 -2.73 2.40 -16.84
CA TYR A 232 -2.88 2.03 -15.46
C TYR A 232 -3.99 1.05 -15.10
N THR A 233 -4.82 0.69 -16.06
CA THR A 233 -5.92 -0.21 -15.80
C THR A 233 -5.54 -1.69 -15.83
N GLY A 234 -4.41 -2.04 -16.44
CA GLY A 234 -4.24 -3.46 -16.78
C GLY A 234 -2.97 -4.13 -16.30
N GLY A 235 -2.55 -5.15 -17.07
CA GLY A 235 -1.45 -6.03 -16.76
C GLY A 235 -1.86 -7.05 -15.70
N PRO A 236 -0.86 -7.75 -15.16
CA PRO A 236 -1.03 -8.79 -14.15
C PRO A 236 -1.74 -8.32 -12.91
N ASP A 237 -1.61 -7.06 -12.56
CA ASP A 237 -2.42 -6.48 -11.50
C ASP A 237 -3.93 -6.62 -11.74
N LEU A 238 -4.42 -6.25 -12.92
CA LEU A 238 -5.85 -6.41 -13.17
C LEU A 238 -6.26 -7.88 -13.08
N ILE A 239 -5.47 -8.76 -13.66
CA ILE A 239 -5.80 -10.19 -13.60
C ILE A 239 -5.89 -10.69 -12.17
N ALA A 240 -4.96 -10.28 -11.35
CA ALA A 240 -4.94 -10.73 -9.98
C ALA A 240 -6.21 -10.27 -9.22
N LEU A 241 -6.70 -9.07 -9.50
CA LEU A 241 -7.88 -8.51 -8.79
C LEU A 241 -9.21 -8.94 -9.42
N ALA A 242 -9.20 -9.22 -10.73
CA ALA A 242 -10.42 -9.53 -11.47
C ALA A 242 -10.57 -11.04 -11.81
N GLY A 243 -9.44 -11.75 -11.85
CA GLY A 243 -9.47 -13.17 -12.26
C GLY A 243 -10.12 -13.29 -13.63
N ASP A 244 -11.06 -14.19 -13.78
CA ASP A 244 -11.67 -14.46 -15.06
C ASP A 244 -12.54 -13.38 -15.55
N ALA A 245 -12.90 -12.45 -14.67
CA ALA A 245 -13.76 -11.39 -15.15
C ALA A 245 -12.96 -10.51 -16.07
N ALA A 246 -11.63 -10.67 -16.04
CA ALA A 246 -10.72 -9.92 -16.96
C ALA A 246 -10.64 -10.46 -18.40
N GLU A 247 -10.99 -11.71 -18.59
CA GLU A 247 -10.95 -12.31 -19.95
C GLU A 247 -11.46 -11.37 -21.03
N GLY A 248 -10.66 -11.12 -22.06
CA GLY A 248 -11.10 -10.29 -23.18
C GLY A 248 -10.94 -8.79 -22.94
N PHE A 249 -10.54 -8.37 -21.76
CA PHE A 249 -10.25 -6.95 -21.56
C PHE A 249 -9.21 -6.45 -22.58
N LEU A 250 -9.40 -5.23 -23.11
CA LEU A 250 -8.45 -4.71 -24.08
C LEU A 250 -7.69 -3.52 -23.51
N TRP A 251 -6.38 -3.60 -23.53
CA TRP A 251 -5.51 -2.70 -22.80
C TRP A 251 -4.47 -2.04 -23.71
N ALA A 252 -4.41 -0.75 -23.68
CA ALA A 252 -3.42 0.02 -24.38
C ALA A 252 -2.28 0.45 -23.47
N THR A 253 -1.08 0.17 -23.93
CA THR A 253 0.16 0.38 -23.18
C THR A 253 1.39 0.38 -24.07
N SER A 254 2.43 1.07 -23.66
CA SER A 254 3.70 1.08 -24.34
C SER A 254 4.72 0.03 -23.89
N PHE A 255 4.43 -0.62 -22.80
CA PHE A 255 5.37 -1.56 -22.19
C PHE A 255 5.36 -2.96 -22.79
N TYR A 256 6.50 -3.64 -22.67
CA TYR A 256 6.60 -5.07 -22.86
C TYR A 256 5.95 -5.75 -21.66
N MET A 257 5.46 -6.98 -21.89
CA MET A 257 4.94 -7.82 -20.83
C MET A 257 6.02 -8.64 -20.16
N ALA A 258 5.68 -9.11 -18.98
CA ALA A 258 6.55 -9.95 -18.17
C ALA A 258 6.92 -11.27 -18.89
N HIS A 259 6.11 -11.67 -19.87
CA HIS A 259 6.36 -12.94 -20.52
C HIS A 259 7.07 -12.78 -21.83
N GLU A 260 7.37 -11.56 -22.23
CA GLU A 260 8.19 -11.38 -23.46
C GLU A 260 9.71 -11.36 -23.17
N ASP A 261 10.50 -11.55 -24.23
CA ASP A 261 11.96 -11.66 -24.08
C ASP A 261 12.74 -10.41 -24.49
N THR A 262 13.41 -9.80 -23.51
CA THR A 262 13.98 -8.45 -23.55
C THR A 262 15.02 -8.41 -22.44
N PRO A 263 16.18 -7.74 -22.69
CA PRO A 263 17.11 -7.56 -21.60
C PRO A 263 16.54 -6.77 -20.43
N GLY A 264 15.55 -5.92 -20.69
CA GLY A 264 15.07 -5.02 -19.65
C GLY A 264 14.13 -5.77 -18.75
N ILE A 265 13.17 -6.49 -19.35
CA ILE A 265 12.31 -7.41 -18.58
C ILE A 265 13.15 -8.41 -17.78
N ARG A 266 14.19 -8.95 -18.40
CA ARG A 266 15.10 -9.86 -17.72
C ARG A 266 15.71 -9.17 -16.47
N LEU A 267 16.19 -7.95 -16.66
CA LEU A 267 16.78 -7.15 -15.58
C LEU A 267 15.79 -6.84 -14.47
N GLN A 268 14.57 -6.45 -14.83
CA GLN A 268 13.54 -6.20 -13.82
C GLN A 268 13.42 -7.41 -12.88
N LYS A 269 13.39 -8.62 -13.46
CA LYS A 269 13.26 -9.90 -12.76
C LYS A 269 14.45 -10.16 -11.83
N GLU A 270 15.64 -10.00 -12.39
CA GLU A 270 16.89 -10.13 -11.68
C GLU A 270 16.95 -9.16 -10.50
N ILE A 271 16.65 -7.90 -10.75
CA ILE A 271 16.69 -6.89 -9.69
C ILE A 271 15.60 -7.19 -8.64
N GLY A 272 14.42 -7.52 -9.12
CA GLY A 272 13.35 -7.85 -8.21
C GLY A 272 13.70 -8.99 -7.27
N ARG A 273 14.28 -10.06 -7.78
CA ARG A 273 14.59 -11.18 -6.91
C ARG A 273 15.71 -10.81 -5.97
N LYS A 274 16.71 -10.11 -6.50
CA LYS A 274 17.83 -9.68 -5.74
C LYS A 274 17.40 -9.08 -4.43
N TYR A 275 16.44 -8.14 -4.44
CA TYR A 275 16.05 -7.41 -3.21
C TYR A 275 14.79 -8.00 -2.55
N GLY A 276 14.45 -9.24 -2.91
CA GLY A 276 13.36 -10.00 -2.28
C GLY A 276 11.97 -9.40 -2.44
N ARG A 277 11.68 -8.78 -3.59
CA ARG A 277 10.34 -8.25 -3.82
C ARG A 277 9.37 -9.41 -3.94
N PRO A 278 8.11 -9.21 -3.53
CA PRO A 278 7.09 -10.25 -3.76
C PRO A 278 6.86 -10.45 -5.25
N GLU A 279 6.52 -11.69 -5.61
CA GLU A 279 6.29 -12.07 -6.99
C GLU A 279 5.39 -11.13 -7.77
N ASN A 280 4.30 -10.69 -7.13
CA ASN A 280 3.35 -9.81 -7.80
C ASN A 280 3.89 -8.38 -8.04
N PHE A 281 4.90 -7.94 -7.29
CA PHE A 281 5.63 -6.72 -7.63
C PHE A 281 6.52 -6.95 -8.84
N ILE A 282 7.31 -8.02 -8.80
CA ILE A 282 8.24 -8.37 -9.86
C ILE A 282 7.50 -8.34 -11.22
N GLU A 283 6.28 -8.87 -11.25
CA GLU A 283 5.59 -8.95 -12.53
C GLU A 283 4.69 -7.78 -12.91
N SER A 284 4.57 -6.79 -12.04
CA SER A 284 3.69 -5.70 -12.33
C SER A 284 4.23 -4.88 -13.48
N VAL A 285 3.37 -4.45 -14.39
CA VAL A 285 3.78 -3.54 -15.43
C VAL A 285 4.21 -2.21 -14.82
N ASN A 286 3.74 -1.89 -13.61
CA ASN A 286 4.17 -0.64 -12.96
C ASN A 286 5.56 -0.64 -12.30
N TYR A 287 5.99 -1.82 -11.91
CA TYR A 287 7.39 -2.05 -11.57
C TYR A 287 8.23 -1.84 -12.83
N THR A 288 7.78 -2.33 -13.97
CA THR A 288 8.46 -2.01 -15.24
C THR A 288 8.48 -0.49 -15.50
N ASN A 289 7.34 0.16 -15.26
CA ASN A 289 7.12 1.59 -15.47
C ASN A 289 8.06 2.46 -14.62
N GLY A 290 8.11 2.21 -13.33
CA GLY A 290 9.10 2.86 -12.44
C GLY A 290 10.56 2.61 -12.82
N MET A 291 10.84 1.41 -13.29
CA MET A 291 12.21 1.06 -13.62
C MET A 291 12.62 1.86 -14.87
N LEU A 292 11.69 2.01 -15.80
CA LEU A 292 12.05 2.82 -16.98
C LEU A 292 12.32 4.28 -16.55
N ALA A 293 11.48 4.86 -15.71
CA ALA A 293 11.67 6.23 -15.29
C ALA A 293 13.01 6.38 -14.56
N ALA A 294 13.31 5.50 -13.59
CA ALA A 294 14.58 5.60 -12.89
C ALA A 294 15.75 5.35 -13.86
N ALA A 295 15.59 4.38 -14.76
CA ALA A 295 16.62 4.09 -15.77
C ALA A 295 16.90 5.29 -16.67
N ILE A 296 15.85 6.02 -17.09
CA ILE A 296 16.04 7.21 -17.91
C ILE A 296 16.89 8.23 -17.13
N ALA A 297 16.50 8.49 -15.88
CA ALA A 297 17.19 9.43 -14.97
C ALA A 297 18.62 9.02 -14.78
N VAL A 298 18.82 7.77 -14.39
CA VAL A 298 20.16 7.32 -14.20
C VAL A 298 20.94 7.39 -15.54
N GLU A 299 20.33 7.05 -16.65
CA GLU A 299 21.13 7.20 -17.89
C GLU A 299 21.47 8.66 -18.24
N ALA A 300 20.59 9.61 -17.95
CA ALA A 300 20.91 11.00 -18.27
C ALA A 300 22.00 11.55 -17.33
N ILE A 301 22.00 11.18 -16.06
CA ILE A 301 23.07 11.48 -15.12
C ILE A 301 24.44 10.94 -15.59
N ARG A 302 24.43 9.75 -16.12
CA ARG A 302 25.62 9.13 -16.65
C ARG A 302 26.16 9.87 -17.86
N ARG A 303 25.29 10.23 -18.77
CA ARG A 303 25.66 11.03 -19.90
C ARG A 303 26.13 12.41 -19.51
N ALA A 304 25.45 13.03 -18.58
CA ALA A 304 25.98 14.25 -18.00
C ALA A 304 27.43 14.08 -17.47
N GLN A 305 27.76 12.94 -16.86
CA GLN A 305 29.09 12.83 -16.27
C GLN A 305 30.15 12.66 -17.30
N GLU A 306 29.82 11.85 -18.30
CA GLU A 306 30.70 11.60 -19.39
C GLU A 306 30.99 12.88 -20.18
N ARG A 307 29.96 13.66 -20.51
CA ARG A 307 30.15 14.87 -21.32
C ARG A 307 30.74 16.02 -20.49
N PHE A 308 30.12 16.37 -19.35
CA PHE A 308 30.49 17.58 -18.66
C PHE A 308 31.33 17.40 -17.41
N LYS A 309 31.36 16.16 -16.90
CA LYS A 309 32.03 15.84 -15.65
C LYS A 309 31.46 16.67 -14.47
N ARG A 310 30.23 17.12 -14.63
CA ARG A 310 29.49 17.80 -13.57
C ARG A 310 28.04 17.40 -13.74
N ILE A 311 27.31 17.31 -12.63
CA ILE A 311 25.97 16.83 -12.65
C ILE A 311 25.06 17.89 -12.08
N THR A 312 24.30 18.52 -12.97
CA THR A 312 23.34 19.56 -12.62
C THR A 312 22.04 19.45 -13.44
N ASN A 313 21.02 20.20 -13.02
CA ASN A 313 19.79 20.28 -13.80
C ASN A 313 20.05 20.65 -15.25
N GLU A 314 21.07 21.48 -15.46
CA GLU A 314 21.41 21.89 -16.82
C GLU A 314 22.10 20.80 -17.62
N THR A 315 23.06 20.13 -17.02
CA THR A 315 23.78 19.11 -17.77
C THR A 315 22.90 17.92 -18.03
N VAL A 316 22.07 17.57 -17.04
CA VAL A 316 21.11 16.48 -17.17
C VAL A 316 20.08 16.79 -18.25
N TYR A 317 19.62 18.06 -18.27
CA TYR A 317 18.76 18.53 -19.35
C TYR A 317 19.41 18.24 -20.74
N GLN A 318 20.69 18.57 -20.90
CA GLN A 318 21.42 18.47 -22.18
C GLN A 318 21.59 17.05 -22.59
N ALA A 319 21.82 16.20 -21.60
CA ALA A 319 21.87 14.75 -21.84
C ALA A 319 20.52 14.22 -22.35
N ILE A 320 19.40 14.70 -21.81
CA ILE A 320 18.09 14.20 -22.25
C ILE A 320 17.71 14.61 -23.67
N VAL A 321 17.96 15.88 -24.03
CA VAL A 321 17.58 16.42 -25.35
C VAL A 321 18.56 16.01 -26.43
N GLY A 322 19.69 15.45 -26.04
CA GLY A 322 20.59 14.78 -26.99
C GLY A 322 20.35 13.27 -27.12
N MET A 323 19.33 12.75 -26.41
CA MET A 323 19.03 11.30 -26.36
C MET A 323 18.17 10.90 -27.56
N ASN A 324 18.76 10.96 -28.76
CA ASN A 324 18.05 10.63 -30.00
C ASN A 324 18.91 10.04 -31.11
N GLY A 325 18.23 9.52 -32.12
CA GLY A 325 18.92 8.82 -33.22
C GLY A 325 19.67 7.59 -32.72
N PRO A 326 20.89 7.40 -33.21
CA PRO A 326 21.81 6.35 -32.75
C PRO A 326 22.24 6.58 -31.30
N ASN A 327 21.92 7.74 -30.74
CA ASN A 327 22.26 8.08 -29.35
C ASN A 327 21.00 7.93 -28.45
N ALA A 328 20.03 7.16 -28.94
CA ALA A 328 18.82 6.91 -28.18
C ALA A 328 19.10 5.91 -27.07
N PHE A 329 18.19 5.87 -26.09
CA PHE A 329 18.36 4.97 -24.98
C PHE A 329 17.43 3.76 -25.23
N LYS A 330 18.04 2.58 -25.27
CA LYS A 330 17.29 1.39 -25.52
C LYS A 330 17.42 0.39 -24.37
N PRO A 331 16.77 0.65 -23.24
CA PRO A 331 16.90 -0.38 -22.17
C PRO A 331 16.05 -1.66 -22.42
N GLY A 332 15.11 -1.64 -23.34
CA GLY A 332 14.21 -2.78 -23.55
C GLY A 332 13.03 -2.81 -22.57
N PHE A 333 12.54 -1.66 -22.12
CA PHE A 333 11.34 -1.66 -21.27
C PHE A 333 10.05 -1.43 -22.01
N ALA A 334 10.13 -0.61 -23.05
CA ALA A 334 8.96 -0.23 -23.83
C ALA A 334 9.21 -0.62 -25.25
N VAL A 335 8.12 -0.75 -26.00
CA VAL A 335 8.15 -1.14 -27.39
C VAL A 335 8.70 -0.01 -28.27
N SER A 336 9.08 -0.31 -29.51
CA SER A 336 9.46 0.71 -30.47
C SER A 336 8.77 0.45 -31.82
N THR A 337 8.45 1.50 -32.58
CA THR A 337 7.88 1.23 -33.92
C THR A 337 8.95 0.59 -34.84
N LYS A 338 8.56 -0.04 -35.95
CA LYS A 338 9.59 -0.66 -36.77
C LYS A 338 10.37 0.44 -37.45
N GLN A 339 9.69 1.56 -37.57
CA GLN A 339 10.27 2.87 -37.86
C GLN A 339 11.29 3.41 -36.80
N GLY A 340 10.89 3.37 -35.53
CA GLY A 340 11.45 4.24 -34.51
C GLY A 340 12.44 3.53 -33.63
N VAL A 341 12.87 4.26 -32.61
CA VAL A 341 13.68 3.71 -31.52
C VAL A 341 12.88 3.79 -30.23
N GLU A 342 13.44 3.24 -29.14
CA GLU A 342 12.72 3.11 -27.89
C GLU A 342 12.63 4.46 -27.17
N ILE A 343 13.66 4.86 -26.45
CA ILE A 343 13.56 6.13 -25.74
C ILE A 343 14.32 7.24 -26.43
N ASP A 344 13.60 8.19 -27.02
CA ASP A 344 14.23 9.30 -27.70
C ASP A 344 13.49 10.60 -27.44
N PHE A 345 14.27 11.62 -27.07
CA PHE A 345 13.78 12.95 -26.79
C PHE A 345 14.58 13.98 -27.61
N THR A 346 13.97 15.14 -27.85
CA THR A 346 14.67 16.26 -28.36
C THR A 346 14.05 17.45 -27.65
N LYS A 347 14.58 18.64 -27.90
CA LYS A 347 13.98 19.86 -27.36
C LYS A 347 12.50 20.04 -27.69
N SER A 348 12.07 19.44 -28.79
CA SER A 348 10.69 19.66 -29.24
C SER A 348 9.89 18.37 -29.16
N GLU A 349 10.56 17.26 -28.90
CA GLU A 349 9.86 15.98 -28.75
C GLU A 349 10.03 15.42 -27.34
N HIS A 350 8.98 15.50 -26.55
CA HIS A 350 9.08 15.26 -25.14
C HIS A 350 8.45 13.91 -24.76
N THR A 351 8.18 13.04 -25.72
CA THR A 351 7.61 11.74 -25.43
C THR A 351 8.62 10.69 -25.74
N GLY A 352 8.98 9.83 -24.80
CA GLY A 352 10.06 8.87 -25.03
C GLY A 352 9.72 7.73 -26.00
N ALA A 353 9.00 6.74 -25.52
CA ALA A 353 8.47 5.69 -26.35
C ALA A 353 7.14 6.12 -26.95
N GLU A 354 7.18 6.57 -28.19
CA GLU A 354 5.98 7.07 -28.86
C GLU A 354 5.03 5.95 -29.37
N GLY A 355 5.49 4.71 -29.41
CA GLY A 355 4.63 3.60 -29.79
C GLY A 355 3.91 2.94 -28.61
N LEU A 356 2.78 2.31 -28.93
CA LEU A 356 2.00 1.56 -27.97
C LEU A 356 1.41 0.38 -28.74
N ARG A 357 0.84 -0.57 -28.01
CA ARG A 357 0.06 -1.64 -28.62
C ARG A 357 -1.24 -1.79 -27.85
N ILE A 358 -2.19 -2.50 -28.45
CA ILE A 358 -3.33 -3.00 -27.74
C ILE A 358 -3.08 -4.47 -27.42
N LEU A 359 -3.30 -4.85 -26.16
CA LEU A 359 -3.18 -6.25 -25.75
C LEU A 359 -4.54 -6.74 -25.28
N GLU A 360 -4.80 -8.05 -25.42
CA GLU A 360 -6.03 -8.63 -24.99
C GLU A 360 -5.72 -9.66 -23.92
N ALA A 361 -6.49 -9.64 -22.83
CA ALA A 361 -6.35 -10.63 -21.75
C ALA A 361 -6.90 -11.99 -22.21
N LYS A 362 -6.02 -13.01 -22.27
CA LYS A 362 -6.44 -14.37 -22.70
C LYS A 362 -5.91 -15.43 -21.75
N GLY A 363 -6.79 -16.21 -21.14
CA GLY A 363 -6.43 -17.17 -20.11
C GLY A 363 -5.43 -16.65 -19.11
N GLY A 364 -5.64 -15.43 -18.62
CA GLY A 364 -4.89 -14.92 -17.48
C GLY A 364 -3.63 -14.12 -17.79
N ARG A 365 -3.42 -13.87 -19.07
CA ARG A 365 -2.24 -13.18 -19.51
C ARG A 365 -2.61 -12.18 -20.62
N PHE A 366 -2.07 -10.97 -20.53
CA PHE A 366 -2.18 -10.04 -21.68
C PHE A 366 -1.36 -10.38 -22.94
N VAL A 367 -2.04 -10.60 -24.06
CA VAL A 367 -1.42 -11.05 -25.31
C VAL A 367 -1.51 -9.89 -26.31
N PRO A 368 -0.40 -9.55 -26.97
CA PRO A 368 -0.50 -8.46 -27.98
C PRO A 368 -1.36 -8.85 -29.17
N VAL A 369 -2.36 -8.05 -29.46
CA VAL A 369 -3.12 -8.22 -30.68
C VAL A 369 -2.80 -7.10 -31.69
N THR A 370 -1.73 -6.34 -31.47
CA THR A 370 -1.20 -5.42 -32.51
C THR A 370 0.35 -5.39 -32.52
N GLU A 371 0.88 -4.80 -33.59
CA GLU A 371 2.25 -4.34 -33.65
C GLU A 371 2.35 -2.94 -33.01
N PRO A 372 3.56 -2.49 -32.59
CA PRO A 372 3.64 -1.13 -32.04
C PRO A 372 3.16 -0.13 -33.07
N PHE A 373 2.38 0.87 -32.67
CA PHE A 373 1.92 1.91 -33.57
C PHE A 373 1.72 3.28 -32.85
N THR A 374 1.73 4.36 -33.61
CA THR A 374 1.38 5.70 -33.12
C THR A 374 0.05 6.09 -33.70
N SER A 375 -0.73 6.87 -32.99
CA SER A 375 -2.06 7.28 -33.49
C SER A 375 -2.04 8.64 -34.19
N ALA A 376 -2.11 8.66 -35.52
CA ALA A 376 -2.24 9.93 -36.22
C ALA A 376 -3.57 10.63 -35.84
N LEU A 377 -4.65 9.86 -35.68
CA LEU A 377 -5.90 10.45 -35.16
C LEU A 377 -5.71 11.31 -33.87
N PHE A 378 -5.03 10.74 -32.88
CA PHE A 378 -4.64 11.51 -31.70
C PHE A 378 -3.99 12.83 -32.06
N ARG A 379 -3.07 12.82 -33.01
CA ARG A 379 -2.40 14.07 -33.32
C ARG A 379 -3.37 15.06 -34.03
N LYS A 380 -4.24 14.59 -34.93
CA LYS A 380 -5.22 15.53 -35.48
C LYS A 380 -6.13 16.16 -34.42
N VAL A 381 -6.76 15.37 -33.55
CA VAL A 381 -7.68 15.96 -32.57
C VAL A 381 -6.96 16.81 -31.54
N HIS A 382 -5.73 16.47 -31.23
CA HIS A 382 -5.02 17.20 -30.21
C HIS A 382 -4.23 18.41 -30.69
N TYR A 383 -3.52 18.29 -31.82
CA TYR A 383 -2.69 19.36 -32.34
C TYR A 383 -3.33 20.11 -33.55
N GLY A 384 -4.36 19.53 -34.18
CA GLY A 384 -5.08 20.13 -35.30
C GLY A 384 -4.35 19.89 -36.60
N LEU B 3 20.19 22.28 16.06
CA LEU B 3 21.70 22.36 16.30
C LEU B 3 22.09 22.00 17.73
N GLY B 4 22.92 20.98 17.89
CA GLY B 4 23.40 20.58 19.23
C GLY B 4 22.48 19.61 19.96
N GLN B 5 21.41 19.22 19.29
CA GLN B 5 20.38 18.39 19.88
C GLN B 5 20.74 16.93 19.72
N GLN B 6 20.46 16.15 20.76
CA GLN B 6 20.66 14.73 20.71
C GLN B 6 19.71 13.98 19.77
N GLN B 7 20.29 13.28 18.79
CA GLN B 7 19.50 12.51 17.84
C GLN B 7 19.12 11.14 18.37
N VAL B 8 17.84 10.87 18.52
CA VAL B 8 17.40 9.52 18.87
C VAL B 8 16.60 8.89 17.72
N THR B 9 17.05 7.75 17.24
CA THR B 9 16.37 7.09 16.14
C THR B 9 15.20 6.20 16.59
N LEU B 10 14.01 6.48 16.05
CA LEU B 10 12.81 5.60 16.23
C LEU B 10 12.61 4.68 15.02
N PHE B 11 12.85 3.38 15.22
CA PHE B 11 12.91 2.44 14.10
C PHE B 11 11.75 1.46 14.09
N TRP B 12 11.09 1.36 12.93
CA TRP B 12 10.01 0.40 12.68
C TRP B 12 10.22 -0.24 11.34
N SER B 13 9.93 -1.54 11.25
CA SER B 13 10.03 -2.24 10.00
C SER B 13 8.81 -3.11 9.92
N GLY B 14 8.10 -3.02 8.79
CA GLY B 14 6.82 -3.71 8.64
C GLY B 14 6.27 -3.62 7.24
N ALA B 15 5.09 -4.21 7.03
CA ALA B 15 4.52 -4.31 5.69
C ALA B 15 3.76 -3.05 5.33
N ILE B 16 4.46 -2.02 4.88
CA ILE B 16 3.77 -0.88 4.27
C ILE B 16 3.07 -1.34 2.99
N THR B 17 3.72 -2.23 2.22
CA THR B 17 3.10 -2.91 1.09
C THR B 17 3.34 -4.40 1.24
N GLY B 18 2.83 -5.17 0.28
CA GLY B 18 2.82 -6.62 0.41
C GLY B 18 1.77 -7.22 1.37
N PRO B 19 1.97 -8.49 1.72
CA PRO B 19 1.03 -9.19 2.59
C PRO B 19 0.87 -8.53 3.99
N THR B 20 -0.38 -8.45 4.42
CA THR B 20 -0.87 -7.80 5.63
C THR B 20 -0.81 -6.30 5.60
N SER B 21 -0.46 -5.68 4.47
CA SER B 21 -0.36 -4.20 4.38
C SER B 21 -1.66 -3.41 4.62
N ASP B 22 -2.82 -4.07 4.53
CA ASP B 22 -4.08 -3.37 4.90
C ASP B 22 -3.92 -2.80 6.35
N ALA B 23 -3.12 -3.52 7.13
CA ALA B 23 -2.85 -3.17 8.49
C ALA B 23 -1.54 -2.41 8.59
N GLY B 24 -0.49 -2.85 7.90
CA GLY B 24 0.85 -2.34 8.17
C GLY B 24 1.08 -0.92 7.71
N ALA B 25 0.38 -0.55 6.64
CA ALA B 25 0.48 0.78 6.05
C ALA B 25 0.00 1.86 7.05
N PRO B 26 -1.25 1.76 7.57
CA PRO B 26 -1.72 2.75 8.59
C PRO B 26 -0.90 2.69 9.89
N TYR B 27 -0.44 1.50 10.23
CA TYR B 27 0.39 1.29 11.41
C TYR B 27 1.70 2.05 11.25
N GLY B 28 2.39 1.83 10.13
CA GLY B 28 3.67 2.51 9.83
C GLY B 28 3.48 4.03 9.69
N ALA B 29 2.38 4.43 9.05
CA ALA B 29 2.02 5.85 8.93
C ALA B 29 1.91 6.51 10.29
N ALA B 30 1.33 5.80 11.27
CA ALA B 30 1.15 6.36 12.66
C ALA B 30 2.47 6.50 13.37
N VAL B 31 3.36 5.51 13.17
CA VAL B 31 4.69 5.62 13.75
C VAL B 31 5.39 6.88 13.22
N GLU B 32 5.43 7.05 11.91
CA GLU B 32 6.06 8.22 11.30
C GLU B 32 5.45 9.53 11.78
N ASP B 33 4.13 9.60 11.87
CA ASP B 33 3.44 10.83 12.23
C ASP B 33 3.60 11.15 13.71
N TYR B 34 3.42 10.16 14.58
CA TYR B 34 3.62 10.41 15.99
C TYR B 34 5.04 10.93 16.22
N CYS B 35 5.96 10.40 15.43
CA CYS B 35 7.36 10.84 15.42
C CYS B 35 7.54 12.31 15.02
N LYS B 36 6.99 12.71 13.86
CA LYS B 36 7.02 14.11 13.45
C LYS B 36 6.44 14.96 14.57
N TRP B 37 5.39 14.45 15.20
CA TRP B 37 4.69 15.21 16.20
C TRP B 37 5.51 15.40 17.50
N ALA B 38 6.19 14.34 17.95
CA ALA B 38 7.12 14.46 19.05
C ALA B 38 8.15 15.57 18.79
N ASN B 39 8.60 15.67 17.56
CA ASN B 39 9.50 16.74 17.20
C ASN B 39 8.84 18.11 17.26
N GLU B 40 7.64 18.25 16.67
CA GLU B 40 6.91 19.52 16.64
C GLU B 40 6.67 20.07 18.04
N ARG B 41 6.50 19.17 18.99
CA ARG B 41 5.98 19.56 20.28
C ARG B 41 7.08 19.43 21.34
N LYS B 42 8.25 18.94 20.90
CA LYS B 42 9.39 18.61 21.75
C LYS B 42 8.94 17.85 22.96
N LEU B 43 8.40 16.65 22.76
CA LEU B 43 7.94 15.86 23.90
C LEU B 43 9.11 15.58 24.84
N VAL B 44 10.27 15.28 24.27
CA VAL B 44 11.43 15.07 25.10
C VAL B 44 12.48 16.15 24.90
N PRO B 45 12.69 17.00 25.91
CA PRO B 45 13.51 18.23 25.84
C PRO B 45 14.92 17.92 25.40
N GLY B 46 15.41 18.67 24.44
CA GLY B 46 16.80 18.53 24.00
C GLY B 46 17.13 17.38 23.04
N VAL B 47 16.11 16.60 22.64
CA VAL B 47 16.31 15.51 21.67
C VAL B 47 15.45 15.63 20.43
N VAL B 48 16.06 15.35 19.27
CA VAL B 48 15.29 15.21 18.01
C VAL B 48 15.19 13.75 17.61
N PHE B 49 13.98 13.31 17.28
CA PHE B 49 13.76 11.95 16.81
C PHE B 49 14.01 11.85 15.33
N ASN B 50 14.87 10.92 14.97
CA ASN B 50 15.04 10.56 13.58
C ASN B 50 14.19 9.32 13.30
N CYS B 51 13.33 9.41 12.31
CA CYS B 51 12.35 8.38 12.10
C CYS B 51 12.66 7.42 10.95
N VAL B 52 12.97 6.19 11.30
CA VAL B 52 13.29 5.22 10.27
C VAL B 52 12.13 4.21 10.20
N VAL B 53 11.31 4.41 9.18
CA VAL B 53 10.15 3.55 8.99
C VAL B 53 10.42 2.85 7.67
N ARG B 54 10.56 1.52 7.73
CA ARG B 54 11.02 0.72 6.56
C ARG B 54 9.96 -0.29 6.13
N ASP B 55 9.71 -0.40 4.84
CA ASP B 55 8.79 -1.40 4.32
C ASP B 55 9.52 -2.75 4.04
N ASP B 56 9.41 -3.71 4.96
CA ASP B 56 9.95 -5.07 4.72
C ASP B 56 9.05 -6.02 3.91
N GLN B 57 7.86 -5.56 3.54
CA GLN B 57 6.88 -6.33 2.79
C GLN B 57 6.58 -7.72 3.36
N TYR B 58 6.64 -7.83 4.67
CA TYR B 58 6.35 -9.09 5.34
C TYR B 58 7.39 -10.20 5.07
N ASN B 59 8.57 -9.82 4.60
CA ASN B 59 9.63 -10.75 4.34
C ASN B 59 10.66 -10.72 5.48
N ASN B 60 10.75 -11.84 6.20
CA ASN B 60 11.59 -11.88 7.39
C ASN B 60 13.04 -11.56 7.15
N ALA B 61 13.53 -11.95 5.97
CA ALA B 61 14.92 -11.62 5.65
C ALA B 61 15.13 -10.11 5.53
N ASN B 62 14.16 -9.37 4.97
CA ASN B 62 14.35 -7.92 4.90
C ASN B 62 14.33 -7.37 6.34
N THR B 63 13.34 -7.81 7.13
CA THR B 63 13.17 -7.34 8.50
C THR B 63 14.49 -7.48 9.30
N GLN B 64 15.07 -8.66 9.21
CA GLN B 64 16.33 -8.89 9.93
C GLN B 64 17.49 -7.99 9.45
N ARG B 65 17.63 -7.89 8.13
CA ARG B 65 18.62 -6.96 7.57
C ARG B 65 18.32 -5.53 8.01
N PHE B 66 17.07 -5.09 7.93
CA PHE B 66 16.80 -3.73 8.41
C PHE B 66 17.12 -3.58 9.86
N PHE B 67 16.82 -4.59 10.65
CA PHE B 67 17.04 -4.49 12.08
C PHE B 67 18.53 -4.38 12.41
N GLU B 68 19.34 -5.24 11.86
CA GLU B 68 20.77 -5.22 12.09
C GLU B 68 21.46 -3.91 11.69
N GLU B 69 21.06 -3.35 10.59
CA GLU B 69 21.52 -2.08 10.17
C GLU B 69 21.18 -0.94 11.09
N ALA B 70 20.01 -0.99 11.66
CA ALA B 70 19.60 0.05 12.54
C ALA B 70 20.27 -0.05 13.87
N VAL B 71 20.62 -1.24 14.27
CA VAL B 71 21.45 -1.43 15.45
C VAL B 71 22.85 -0.92 15.19
N ASP B 72 23.47 -1.37 14.12
CA ASP B 72 24.84 -0.93 13.83
C ASP B 72 25.02 0.58 13.61
N ARG B 73 24.11 1.15 12.86
CA ARG B 73 24.34 2.52 12.44
C ARG B 73 23.69 3.56 13.39
N PHE B 74 22.59 3.19 14.03
CA PHE B 74 21.86 4.13 14.85
C PHE B 74 21.88 3.79 16.32
N LYS B 75 22.42 2.63 16.70
CA LYS B 75 22.38 2.19 18.11
C LYS B 75 21.04 2.49 18.79
N ILE B 76 19.99 1.96 18.16
CA ILE B 76 18.61 2.10 18.62
C ILE B 76 18.33 1.56 20.02
N PRO B 77 17.58 2.30 20.80
CA PRO B 77 17.30 1.91 22.16
C PRO B 77 15.99 1.13 22.27
N VAL B 78 15.17 1.20 21.24
CA VAL B 78 13.92 0.51 21.13
C VAL B 78 13.67 -0.05 19.71
N PHE B 79 12.90 -1.09 19.58
CA PHE B 79 12.57 -1.66 18.32
C PHE B 79 11.08 -1.73 18.24
N LEU B 80 10.49 -1.10 17.22
CA LEU B 80 9.07 -1.28 16.86
C LEU B 80 8.96 -2.27 15.70
N SER B 81 8.45 -3.46 16.00
CA SER B 81 8.51 -4.54 15.08
C SER B 81 7.09 -4.86 14.69
N TYR B 82 6.95 -5.84 13.82
CA TYR B 82 5.68 -6.02 13.15
C TYR B 82 5.25 -7.47 13.01
N ALA B 83 5.76 -8.22 12.04
CA ALA B 83 5.22 -9.56 11.73
C ALA B 83 5.39 -10.56 12.88
N THR B 84 4.37 -11.40 13.13
CA THR B 84 4.55 -12.38 14.16
C THR B 84 5.69 -13.27 13.79
N GLY B 85 5.74 -13.75 12.55
CA GLY B 85 6.86 -14.59 12.09
C GLY B 85 8.27 -13.97 12.24
N ALA B 86 8.41 -12.71 11.86
CA ALA B 86 9.67 -12.02 11.99
C ALA B 86 10.04 -11.94 13.51
N ASN B 87 9.07 -11.60 14.35
CA ASN B 87 9.31 -11.55 15.78
C ASN B 87 9.73 -12.90 16.41
N LEU B 88 9.06 -13.97 16.04
CA LEU B 88 9.45 -15.30 16.49
C LEU B 88 10.89 -15.61 16.08
N GLN B 89 11.27 -15.22 14.87
CA GLN B 89 12.61 -15.53 14.40
C GLN B 89 13.69 -14.70 15.12
N LEU B 90 13.34 -13.46 15.50
CA LEU B 90 14.32 -12.56 16.11
C LEU B 90 14.43 -12.59 17.64
N LYS B 91 13.57 -13.35 18.31
CA LYS B 91 13.62 -13.37 19.79
C LYS B 91 15.06 -13.58 20.30
N PRO B 92 15.83 -14.52 19.73
CA PRO B 92 17.15 -14.74 20.34
C PRO B 92 18.04 -13.49 20.21
N LEU B 93 17.99 -12.86 19.04
CA LEU B 93 18.78 -11.65 18.78
C LEU B 93 18.31 -10.45 19.61
N ILE B 94 17.00 -10.31 19.77
CA ILE B 94 16.47 -9.29 20.64
C ILE B 94 16.93 -9.47 22.09
N GLN B 95 16.87 -10.71 22.56
CA GLN B 95 17.32 -11.06 23.91
C GLN B 95 18.80 -10.78 24.03
N GLU B 96 19.56 -11.23 23.04
CA GLU B 96 21.01 -10.91 22.95
C GLU B 96 21.34 -9.44 23.03
N LEU B 97 20.57 -8.63 22.32
CA LEU B 97 20.90 -7.21 22.26
C LEU B 97 20.32 -6.46 23.38
N ARG B 98 19.43 -7.10 24.14
CA ARG B 98 18.87 -6.45 25.35
C ARG B 98 18.09 -5.22 24.93
N ILE B 99 17.36 -5.30 23.82
CA ILE B 99 16.64 -4.14 23.27
C ILE B 99 15.11 -4.23 23.44
N PRO B 100 14.51 -3.32 24.22
CA PRO B 100 13.05 -3.42 24.35
C PRO B 100 12.44 -3.36 22.97
N THR B 101 11.53 -4.29 22.71
CA THR B 101 10.87 -4.53 21.44
C THR B 101 9.34 -4.54 21.67
N ILE B 102 8.64 -3.65 20.95
CA ILE B 102 7.23 -3.44 21.06
C ILE B 102 6.68 -3.80 19.69
N PRO B 103 5.98 -4.94 19.59
CA PRO B 103 5.48 -5.35 18.27
C PRO B 103 4.04 -5.01 18.01
N ALA B 104 3.71 -4.87 16.74
CA ALA B 104 2.33 -4.90 16.21
C ALA B 104 1.68 -6.26 16.35
N SER B 105 2.47 -7.31 16.12
CA SER B 105 2.09 -8.65 16.44
C SER B 105 1.62 -8.78 17.92
N MET B 106 0.46 -9.37 18.14
CA MET B 106 -0.04 -9.67 19.48
C MET B 106 0.01 -11.19 19.82
N HIS B 107 1.03 -11.90 19.40
CA HIS B 107 1.05 -13.36 19.66
C HIS B 107 1.56 -13.59 21.06
N ILE B 108 0.76 -14.24 21.92
CA ILE B 108 1.13 -14.47 23.34
C ILE B 108 2.51 -15.15 23.46
N GLU B 109 2.86 -15.95 22.45
CA GLU B 109 4.08 -16.72 22.49
C GLU B 109 5.33 -15.81 22.44
N LEU B 110 5.14 -14.54 22.06
CA LEU B 110 6.31 -13.65 22.04
C LEU B 110 6.80 -13.36 23.45
N ILE B 111 5.88 -13.39 24.42
CA ILE B 111 6.25 -12.98 25.76
C ILE B 111 6.38 -14.20 26.70
N ASP B 112 6.15 -15.37 26.14
CA ASP B 112 6.52 -16.61 26.80
C ASP B 112 8.02 -16.90 26.72
N PRO B 113 8.54 -17.63 27.73
CA PRO B 113 9.96 -17.95 27.81
C PRO B 113 10.25 -19.05 26.82
N PRO B 114 11.49 -19.14 26.33
CA PRO B 114 12.70 -18.35 26.60
C PRO B 114 12.84 -17.06 25.74
N ASN B 115 13.87 -16.25 26.02
CA ASN B 115 14.16 -15.01 25.30
C ASN B 115 13.00 -14.01 25.24
N ASN B 116 12.39 -13.75 26.37
CA ASN B 116 11.19 -12.97 26.38
C ASN B 116 11.26 -11.74 27.24
N ASP B 117 12.45 -11.49 27.83
CA ASP B 117 12.65 -10.38 28.78
C ASP B 117 12.48 -8.98 28.17
N TYR B 118 12.71 -8.82 26.87
CA TYR B 118 12.77 -7.47 26.28
C TYR B 118 11.61 -7.17 25.31
N ILE B 119 10.60 -8.05 25.30
CA ILE B 119 9.43 -7.91 24.41
C ILE B 119 8.14 -7.58 25.13
N PHE B 120 7.43 -6.54 24.68
CA PHE B 120 6.22 -6.04 25.35
C PHE B 120 5.07 -5.87 24.37
N LEU B 121 3.98 -6.59 24.61
CA LEU B 121 2.72 -6.40 23.88
C LEU B 121 2.00 -5.15 24.36
N PRO B 122 1.64 -4.25 23.44
CA PRO B 122 0.90 -3.08 23.91
C PRO B 122 -0.51 -3.44 24.33
N THR B 123 -1.10 -4.43 23.65
CA THR B 123 -2.44 -4.87 23.92
C THR B 123 -2.56 -6.38 23.96
N THR B 124 -3.76 -6.77 24.30
CA THR B 124 -4.22 -8.11 24.40
C THR B 124 -3.76 -9.02 23.24
N SER B 125 -3.65 -10.32 23.50
CA SER B 125 -3.09 -11.23 22.49
C SER B 125 -4.18 -11.80 21.63
N TYR B 126 -3.74 -12.43 20.53
CA TYR B 126 -4.65 -13.07 19.59
C TYR B 126 -5.45 -14.19 20.24
N SER B 127 -4.77 -14.93 21.11
CA SER B 127 -5.33 -16.06 21.78
C SER B 127 -6.45 -15.63 22.69
N GLU B 128 -6.25 -14.53 23.41
CA GLU B 128 -7.28 -14.07 24.32
C GLU B 128 -8.45 -13.49 23.51
N GLN B 129 -8.16 -12.86 22.37
CA GLN B 129 -9.24 -12.34 21.51
C GLN B 129 -10.05 -13.50 20.95
N VAL B 130 -9.39 -14.52 20.45
CA VAL B 130 -10.09 -15.69 19.96
C VAL B 130 -10.85 -16.49 21.02
N VAL B 131 -10.27 -16.64 22.18
CA VAL B 131 -10.92 -17.27 23.30
C VAL B 131 -12.09 -16.45 23.78
N ALA B 132 -12.01 -15.14 23.72
CA ALA B 132 -13.08 -14.32 24.15
C ALA B 132 -14.24 -14.48 23.23
N LEU B 133 -13.92 -14.53 21.96
CA LEU B 133 -14.93 -14.79 20.95
C LEU B 133 -15.62 -16.17 21.08
N LEU B 134 -14.87 -17.22 21.32
CA LEU B 134 -15.44 -18.55 21.50
C LEU B 134 -16.33 -18.57 22.74
N GLU B 135 -15.96 -17.74 23.72
CA GLU B 135 -16.78 -17.59 24.91
C GLU B 135 -18.13 -16.91 24.54
N TYR B 136 -18.08 -15.85 23.73
CA TYR B 136 -19.31 -15.25 23.22
C TYR B 136 -20.17 -16.31 22.47
N ILE B 137 -19.51 -17.14 21.63
CA ILE B 137 -20.28 -18.19 20.93
C ILE B 137 -20.98 -19.21 21.89
N ALA B 138 -20.28 -19.64 22.95
CA ALA B 138 -20.86 -20.68 23.84
C ALA B 138 -22.03 -20.20 24.70
N ARG B 139 -22.07 -18.92 25.07
CA ARG B 139 -23.24 -18.43 25.82
C ARG B 139 -24.46 -18.25 24.90
N GLU B 140 -24.21 -17.99 23.62
CA GLU B 140 -25.28 -17.90 22.63
C GLU B 140 -25.81 -19.26 22.12
N LYS B 141 -24.94 -20.28 22.01
CA LYS B 141 -25.30 -21.54 21.38
C LYS B 141 -24.41 -22.70 21.85
N LYS B 142 -24.90 -23.38 22.86
CA LYS B 142 -24.21 -24.51 23.43
C LYS B 142 -23.97 -25.54 22.38
N GLY B 143 -22.80 -26.14 22.42
CA GLY B 143 -22.37 -27.16 21.45
C GLY B 143 -22.24 -26.73 19.99
N ALA B 144 -22.23 -25.43 19.72
CA ALA B 144 -22.09 -24.89 18.33
C ALA B 144 -20.90 -25.43 17.50
N LYS B 145 -21.19 -25.64 16.22
CA LYS B 145 -20.17 -25.99 15.23
C LYS B 145 -19.42 -24.73 14.83
N VAL B 146 -18.11 -24.67 15.00
CA VAL B 146 -17.41 -23.48 14.53
C VAL B 146 -16.28 -23.82 13.55
N ALA B 147 -16.00 -22.89 12.65
CA ALA B 147 -14.80 -22.99 11.81
C ALA B 147 -13.83 -21.84 12.08
N LEU B 148 -12.55 -22.10 11.93
CA LEU B 148 -11.55 -21.03 11.99
C LEU B 148 -10.99 -20.83 10.61
N VAL B 149 -10.92 -19.58 10.20
CA VAL B 149 -10.27 -19.19 8.99
C VAL B 149 -9.12 -18.24 9.28
N VAL B 150 -7.94 -18.60 8.87
CA VAL B 150 -6.78 -17.90 9.25
C VAL B 150 -5.88 -17.63 8.07
N HIS B 151 -5.12 -16.58 8.24
CA HIS B 151 -4.08 -16.14 7.39
C HIS B 151 -2.97 -17.18 7.29
N PRO B 152 -2.44 -17.39 6.12
CA PRO B 152 -1.45 -18.49 5.96
C PRO B 152 -0.02 -18.09 6.33
N SER B 153 0.22 -18.00 7.64
CA SER B 153 1.49 -17.56 8.20
C SER B 153 1.42 -17.88 9.69
N PRO B 154 2.54 -17.73 10.43
CA PRO B 154 2.59 -17.78 11.90
C PRO B 154 1.57 -16.85 12.58
N PHE B 155 1.36 -15.68 11.97
CA PHE B 155 0.34 -14.73 12.40
C PHE B 155 -1.08 -15.34 12.44
N GLY B 156 -1.44 -16.03 11.37
CA GLY B 156 -2.72 -16.69 11.31
C GLY B 156 -2.82 -17.85 12.28
N ARG B 157 -1.80 -18.69 12.32
CA ARG B 157 -1.84 -19.90 13.11
C ARG B 157 -1.67 -19.59 14.59
N ALA B 158 -1.25 -18.36 14.92
CA ALA B 158 -0.89 -18.03 16.30
C ALA B 158 -1.94 -18.40 17.37
N PRO B 159 -3.23 -18.07 17.18
CA PRO B 159 -4.08 -18.42 18.31
C PRO B 159 -4.75 -19.82 18.24
N VAL B 160 -4.38 -20.65 17.29
CA VAL B 160 -5.20 -21.85 17.02
C VAL B 160 -5.18 -22.88 18.16
N GLU B 161 -4.01 -23.09 18.76
CA GLU B 161 -3.94 -24.06 19.85
C GLU B 161 -4.74 -23.65 21.08
N ASP B 162 -4.71 -22.35 21.42
CA ASP B 162 -5.54 -21.81 22.53
C ASP B 162 -7.02 -21.92 22.22
N ALA B 163 -7.36 -21.63 20.96
CA ALA B 163 -8.71 -21.87 20.44
C ALA B 163 -9.15 -23.33 20.59
N ARG B 164 -8.37 -24.29 20.18
CA ARG B 164 -8.81 -25.68 20.31
C ARG B 164 -9.05 -26.04 21.75
N LYS B 165 -8.17 -25.61 22.62
CA LYS B 165 -8.23 -25.89 24.02
C LYS B 165 -9.49 -25.33 24.68
N ALA B 166 -9.79 -24.09 24.38
CA ALA B 166 -10.90 -23.36 24.83
C ALA B 166 -12.20 -23.95 24.37
N ALA B 167 -12.25 -24.36 23.13
CA ALA B 167 -13.42 -24.90 22.52
C ALA B 167 -13.79 -26.18 23.23
N ARG B 168 -12.79 -27.01 23.46
CA ARG B 168 -13.06 -28.23 24.14
C ARG B 168 -13.55 -27.92 25.58
N GLU B 169 -12.97 -26.96 26.29
CA GLU B 169 -13.53 -26.59 27.59
C GLU B 169 -14.98 -26.12 27.49
N LEU B 170 -15.39 -25.55 26.36
CA LEU B 170 -16.73 -24.96 26.23
C LEU B 170 -17.78 -25.88 25.65
N GLY B 171 -17.37 -27.06 25.18
CA GLY B 171 -18.28 -27.98 24.51
C GLY B 171 -18.59 -27.56 23.08
N LEU B 172 -17.81 -26.63 22.53
CA LEU B 172 -17.91 -26.29 21.10
C LEU B 172 -17.14 -27.29 20.24
N GLN B 173 -17.58 -27.47 19.01
CA GLN B 173 -16.92 -28.36 18.07
C GLN B 173 -16.29 -27.52 17.01
N ILE B 174 -14.96 -27.44 17.00
CA ILE B 174 -14.25 -26.87 15.87
C ILE B 174 -14.16 -27.93 14.78
N VAL B 175 -15.02 -27.81 13.78
CA VAL B 175 -15.12 -28.75 12.67
C VAL B 175 -14.14 -28.59 11.49
N ASP B 176 -13.44 -27.45 11.39
CA ASP B 176 -12.57 -27.17 10.23
C ASP B 176 -11.73 -25.95 10.57
N VAL B 177 -10.44 -26.00 10.25
CA VAL B 177 -9.66 -24.78 10.19
C VAL B 177 -9.09 -24.58 8.75
N GLN B 178 -9.34 -23.44 8.12
CA GLN B 178 -8.86 -23.21 6.77
C GLN B 178 -7.87 -22.06 6.78
N GLU B 179 -6.91 -22.09 5.85
CA GLU B 179 -6.01 -20.96 5.70
C GLU B 179 -6.30 -20.19 4.40
N VAL B 180 -6.73 -18.95 4.50
CA VAL B 180 -6.87 -18.14 3.32
C VAL B 180 -6.13 -16.80 3.42
N GLY B 181 -5.40 -16.49 2.35
CA GLY B 181 -4.65 -15.25 2.24
C GLY B 181 -5.32 -14.34 1.24
N SER B 182 -4.59 -13.31 0.82
CA SER B 182 -5.10 -12.32 -0.12
C SER B 182 -5.26 -12.88 -1.52
N GLY B 183 -6.07 -12.19 -2.32
CA GLY B 183 -6.44 -12.71 -3.64
C GLY B 183 -7.43 -13.86 -3.60
N ASN B 184 -8.00 -14.16 -2.42
CA ASN B 184 -9.13 -15.10 -2.34
C ASN B 184 -10.39 -14.50 -3.00
N LEU B 185 -10.36 -14.35 -4.32
CA LEU B 185 -11.49 -13.85 -5.12
C LEU B 185 -12.78 -14.66 -5.05
N ASP B 186 -12.67 -15.99 -5.00
CA ASP B 186 -13.85 -16.90 -4.94
C ASP B 186 -13.72 -17.81 -3.73
N ASN B 187 -14.61 -17.60 -2.76
CA ASN B 187 -14.57 -18.40 -1.54
C ASN B 187 -15.71 -19.41 -1.46
N THR B 188 -16.28 -19.71 -2.62
CA THR B 188 -17.46 -20.51 -2.70
C THR B 188 -17.25 -21.94 -2.22
N ALA B 189 -16.19 -22.56 -2.75
CA ALA B 189 -15.89 -23.91 -2.42
C ALA B 189 -15.76 -24.03 -0.88
N LEU B 190 -14.97 -23.18 -0.26
CA LEU B 190 -14.76 -23.15 1.20
C LEU B 190 -16.06 -23.00 2.02
N LEU B 191 -16.91 -22.05 1.61
CA LEU B 191 -18.16 -21.81 2.31
C LEU B 191 -19.17 -22.96 2.17
N LYS B 192 -19.30 -23.52 0.99
CA LYS B 192 -20.10 -24.67 0.77
C LYS B 192 -19.68 -25.88 1.57
N ARG B 193 -18.41 -26.10 1.68
CA ARG B 193 -17.86 -27.08 2.55
C ARG B 193 -18.21 -26.75 3.99
N PHE B 194 -18.28 -25.49 4.34
CA PHE B 194 -18.69 -25.15 5.67
C PHE B 194 -20.12 -25.55 5.93
N GLU B 195 -21.00 -25.27 4.97
CA GLU B 195 -22.42 -25.48 5.13
C GLU B 195 -22.77 -26.97 5.23
N GLN B 196 -22.14 -27.76 4.37
CA GLN B 196 -22.25 -29.22 4.39
C GLN B 196 -21.70 -29.83 5.67
N ALA B 197 -20.73 -29.17 6.29
CA ALA B 197 -20.25 -29.61 7.62
C ALA B 197 -21.12 -29.08 8.78
N GLY B 198 -22.11 -28.25 8.46
CA GLY B 198 -22.99 -27.67 9.46
C GLY B 198 -22.38 -26.56 10.33
N VAL B 199 -21.30 -25.91 9.86
CA VAL B 199 -20.74 -24.74 10.56
C VAL B 199 -21.83 -23.68 10.81
N GLU B 200 -21.87 -23.15 12.02
CA GLU B 200 -22.85 -22.10 12.33
C GLU B 200 -22.11 -20.80 12.74
N TYR B 201 -20.83 -20.90 13.08
CA TYR B 201 -19.99 -19.73 13.39
C TYR B 201 -18.60 -19.88 12.75
N VAL B 202 -18.16 -18.80 12.13
CA VAL B 202 -16.83 -18.66 11.57
C VAL B 202 -15.95 -17.63 12.35
N VAL B 203 -14.85 -18.07 12.95
CA VAL B 203 -13.99 -17.14 13.65
C VAL B 203 -12.76 -16.91 12.77
N HIS B 204 -12.47 -15.62 12.45
CA HIS B 204 -11.36 -15.21 11.57
C HIS B 204 -10.11 -14.69 12.29
N GLN B 205 -8.93 -15.17 11.92
CA GLN B 205 -7.68 -14.59 12.43
C GLN B 205 -6.94 -14.15 11.20
N ASN B 206 -6.98 -12.86 10.92
CA ASN B 206 -6.59 -12.39 9.62
C ASN B 206 -6.53 -10.86 9.51
N VAL B 207 -6.10 -10.34 8.35
CA VAL B 207 -6.32 -8.92 8.09
C VAL B 207 -7.67 -8.77 7.37
N ALA B 208 -8.04 -7.50 7.17
CA ALA B 208 -9.39 -7.16 6.74
C ALA B 208 -9.71 -7.67 5.31
N GLY B 209 -8.73 -7.62 4.40
CA GLY B 209 -9.02 -7.88 2.99
C GLY B 209 -9.59 -9.26 2.72
N PRO B 210 -8.90 -10.34 3.14
CA PRO B 210 -9.45 -11.67 2.93
C PRO B 210 -10.78 -11.89 3.63
N VAL B 211 -10.92 -11.41 4.87
CA VAL B 211 -12.19 -11.54 5.57
C VAL B 211 -13.28 -10.92 4.74
N ALA B 212 -13.04 -9.70 4.26
CA ALA B 212 -14.05 -9.01 3.44
C ALA B 212 -14.44 -9.84 2.23
N ASN B 213 -13.47 -10.40 1.53
CA ASN B 213 -13.84 -11.19 0.38
C ASN B 213 -14.77 -12.36 0.77
N ILE B 214 -14.51 -13.03 1.90
CA ILE B 214 -15.41 -14.10 2.39
C ILE B 214 -16.82 -13.58 2.76
N LEU B 215 -16.89 -12.47 3.47
CA LEU B 215 -18.22 -11.91 3.79
C LEU B 215 -19.09 -11.64 2.57
N LYS B 216 -18.48 -11.18 1.49
CA LYS B 216 -19.25 -10.78 0.32
C LYS B 216 -19.73 -12.01 -0.44
N ASP B 217 -18.87 -13.02 -0.57
CA ASP B 217 -19.30 -14.31 -1.09
C ASP B 217 -20.44 -14.95 -0.28
N ALA B 218 -20.26 -15.00 1.05
CA ALA B 218 -21.29 -15.49 1.99
C ALA B 218 -22.62 -14.74 1.89
N LYS B 219 -22.57 -13.42 1.68
CA LYS B 219 -23.77 -12.65 1.44
C LYS B 219 -24.43 -13.00 0.06
N ARG B 220 -23.62 -13.12 -0.98
CA ARG B 220 -24.12 -13.55 -2.28
C ARG B 220 -24.81 -14.90 -2.19
N LEU B 221 -24.33 -15.78 -1.33
CA LEU B 221 -24.81 -17.17 -1.33
C LEU B 221 -25.99 -17.35 -0.40
N GLY B 222 -26.43 -16.26 0.24
CA GLY B 222 -27.52 -16.34 1.22
C GLY B 222 -27.25 -17.17 2.47
N LEU B 223 -25.98 -17.33 2.84
CA LEU B 223 -25.59 -18.11 4.03
C LEU B 223 -25.90 -17.44 5.38
N LYS B 224 -26.13 -18.24 6.40
CA LYS B 224 -26.51 -17.66 7.71
C LYS B 224 -25.57 -17.96 8.87
N MET B 225 -24.35 -18.40 8.59
CA MET B 225 -23.34 -18.56 9.63
C MET B 225 -23.01 -17.15 10.13
N ARG B 226 -22.81 -17.02 11.45
CA ARG B 226 -22.31 -15.78 12.02
C ARG B 226 -20.78 -15.66 11.91
N HIS B 227 -20.28 -14.47 11.60
CA HIS B 227 -18.84 -14.26 11.44
C HIS B 227 -18.29 -13.40 12.56
N LEU B 228 -17.13 -13.81 13.06
CA LEU B 228 -16.46 -13.13 14.15
C LEU B 228 -14.96 -12.97 13.85
N GLY B 229 -14.29 -12.03 14.49
CA GLY B 229 -12.86 -11.88 14.19
C GLY B 229 -12.05 -11.20 15.24
N ALA B 230 -10.78 -11.55 15.26
CA ALA B 230 -9.76 -11.02 16.17
C ALA B 230 -9.31 -9.59 15.71
N HIS B 231 -8.32 -9.01 16.40
CA HIS B 231 -8.09 -7.58 16.29
C HIS B 231 -7.94 -7.09 14.82
N TYR B 232 -7.09 -7.72 14.03
CA TYR B 232 -6.64 -7.19 12.73
C TYR B 232 -7.64 -7.38 11.63
N THR B 233 -8.76 -8.02 11.95
CA THR B 233 -9.77 -8.33 10.95
C THR B 233 -10.76 -7.19 10.77
N GLY B 234 -10.89 -6.34 11.77
CA GLY B 234 -12.07 -5.44 11.81
C GLY B 234 -11.77 -3.94 11.77
N GLY B 235 -12.72 -3.13 12.24
CA GLY B 235 -12.56 -1.68 12.18
C GLY B 235 -13.11 -1.06 10.90
N PRO B 236 -12.97 0.25 10.77
CA PRO B 236 -13.47 0.91 9.54
C PRO B 236 -12.89 0.34 8.22
N ASP B 237 -11.73 -0.29 8.31
CA ASP B 237 -11.18 -0.94 7.14
C ASP B 237 -11.97 -2.14 6.68
N LEU B 238 -12.47 -2.95 7.61
CA LEU B 238 -13.28 -4.05 7.19
C LEU B 238 -14.56 -3.48 6.57
N ILE B 239 -15.18 -2.47 7.20
CA ILE B 239 -16.38 -1.86 6.61
C ILE B 239 -16.16 -1.35 5.16
N ALA B 240 -15.06 -0.66 4.93
CA ALA B 240 -14.77 -0.13 3.60
C ALA B 240 -14.59 -1.24 2.56
N LEU B 241 -14.15 -2.43 2.96
CA LEU B 241 -13.86 -3.48 2.00
C LEU B 241 -15.04 -4.39 1.72
N ALA B 242 -15.91 -4.49 2.71
CA ALA B 242 -16.99 -5.47 2.71
C ALA B 242 -18.34 -4.80 2.66
N GLY B 243 -18.41 -3.52 3.01
CA GLY B 243 -19.68 -2.79 3.05
C GLY B 243 -20.74 -3.49 3.87
N ASP B 244 -21.91 -3.62 3.28
CA ASP B 244 -23.03 -4.26 3.95
C ASP B 244 -22.85 -5.71 4.39
N ALA B 245 -22.05 -6.47 3.66
CA ALA B 245 -21.80 -7.86 4.00
C ALA B 245 -21.18 -7.99 5.39
N ALA B 246 -20.58 -6.90 5.89
CA ALA B 246 -20.01 -6.92 7.23
C ALA B 246 -21.02 -6.77 8.38
N GLU B 247 -22.26 -6.38 8.06
CA GLU B 247 -23.29 -6.17 9.08
C GLU B 247 -23.38 -7.34 10.04
N GLY B 248 -23.19 -7.09 11.32
CA GLY B 248 -23.30 -8.17 12.28
C GLY B 248 -22.00 -8.83 12.68
N PHE B 249 -20.92 -8.54 11.97
CA PHE B 249 -19.61 -9.13 12.29
C PHE B 249 -19.28 -8.73 13.74
N LEU B 250 -18.77 -9.70 14.50
CA LEU B 250 -18.38 -9.50 15.86
C LEU B 250 -16.86 -9.47 15.97
N TRP B 251 -16.36 -8.44 16.65
CA TRP B 251 -14.96 -8.13 16.57
C TRP B 251 -14.33 -7.93 17.93
N ALA B 252 -13.20 -8.60 18.19
CA ALA B 252 -12.54 -8.43 19.50
C ALA B 252 -11.29 -7.55 19.33
N THR B 253 -11.22 -6.44 20.07
CA THR B 253 -10.05 -5.57 20.11
C THR B 253 -9.98 -4.93 21.49
N SER B 254 -8.81 -4.34 21.77
CA SER B 254 -8.60 -3.50 22.93
C SER B 254 -8.72 -2.00 22.65
N PHE B 255 -8.94 -1.59 21.39
CA PHE B 255 -8.87 -0.14 21.07
C PHE B 255 -10.21 0.59 21.23
N TYR B 256 -10.12 1.87 21.55
CA TYR B 256 -11.21 2.81 21.39
C TYR B 256 -11.49 2.95 19.92
N MET B 257 -12.75 3.30 19.58
CA MET B 257 -13.12 3.50 18.16
C MET B 257 -12.97 4.93 17.74
N ALA B 258 -12.87 5.16 16.43
CA ALA B 258 -12.73 6.52 15.89
C ALA B 258 -13.88 7.47 16.31
N HIS B 259 -15.07 6.89 16.44
CA HIS B 259 -16.22 7.66 16.80
C HIS B 259 -16.42 7.87 18.31
N GLU B 260 -15.54 7.32 19.14
CA GLU B 260 -15.58 7.54 20.59
C GLU B 260 -14.73 8.76 20.95
N ASP B 261 -14.87 9.22 22.19
CA ASP B 261 -14.38 10.50 22.60
C ASP B 261 -13.28 10.29 23.66
N THR B 262 -12.06 10.64 23.28
CA THR B 262 -10.89 10.28 24.03
C THR B 262 -9.80 11.27 23.64
N PRO B 263 -8.89 11.60 24.57
CA PRO B 263 -7.81 12.47 24.16
C PRO B 263 -6.97 11.81 23.08
N GLY B 264 -6.77 10.51 23.16
CA GLY B 264 -5.90 9.76 22.24
C GLY B 264 -6.44 9.72 20.83
N ILE B 265 -7.72 9.38 20.73
CA ILE B 265 -8.47 9.44 19.47
C ILE B 265 -8.52 10.87 18.98
N ARG B 266 -8.64 11.86 19.85
CA ARG B 266 -8.62 13.22 19.34
C ARG B 266 -7.26 13.57 18.76
N LEU B 267 -6.21 13.08 19.40
CA LEU B 267 -4.86 13.33 18.97
C LEU B 267 -4.61 12.73 17.60
N GLN B 268 -5.07 11.50 17.40
CA GLN B 268 -4.84 10.88 16.09
C GLN B 268 -5.47 11.67 14.94
N LYS B 269 -6.70 12.17 15.11
CA LYS B 269 -7.33 13.01 14.06
C LYS B 269 -6.52 14.26 13.85
N GLU B 270 -6.08 14.89 14.94
CA GLU B 270 -5.33 16.09 14.81
C GLU B 270 -3.98 15.81 14.14
N ILE B 271 -3.30 14.76 14.57
CA ILE B 271 -2.00 14.46 13.94
C ILE B 271 -2.20 14.12 12.46
N GLY B 272 -3.14 13.23 12.17
CA GLY B 272 -3.35 12.82 10.82
C GLY B 272 -3.77 13.93 9.89
N ARG B 273 -4.63 14.84 10.34
CA ARG B 273 -5.02 15.89 9.40
C ARG B 273 -3.90 16.88 9.24
N LYS B 274 -3.17 17.15 10.32
CA LYS B 274 -1.96 17.95 10.24
C LYS B 274 -1.01 17.51 9.11
N TYR B 275 -0.79 16.20 8.95
CA TYR B 275 0.13 15.72 7.92
C TYR B 275 -0.50 15.25 6.62
N GLY B 276 -1.77 15.57 6.39
CA GLY B 276 -2.41 15.23 5.13
C GLY B 276 -2.56 13.75 4.87
N ARG B 277 -2.89 12.99 5.90
CA ARG B 277 -3.18 11.59 5.68
C ARG B 277 -4.54 11.48 5.08
N PRO B 278 -4.74 10.47 4.24
CA PRO B 278 -6.13 10.21 3.77
C PRO B 278 -7.09 9.87 4.93
N GLU B 279 -8.36 10.20 4.74
CA GLU B 279 -9.40 10.05 5.77
C GLU B 279 -9.49 8.58 6.28
N ASN B 280 -9.45 7.63 5.37
CA ASN B 280 -9.43 6.22 5.72
C ASN B 280 -8.26 5.76 6.61
N PHE B 281 -7.09 6.36 6.46
CA PHE B 281 -5.99 6.11 7.38
C PHE B 281 -6.29 6.71 8.74
N ILE B 282 -6.95 7.85 8.74
CA ILE B 282 -7.11 8.60 9.97
C ILE B 282 -8.11 7.91 10.88
N GLU B 283 -9.13 7.25 10.30
CA GLU B 283 -10.08 6.44 11.08
C GLU B 283 -9.63 4.98 11.36
N SER B 284 -8.54 4.56 10.75
CA SER B 284 -8.16 3.17 10.83
C SER B 284 -7.80 2.89 12.26
N VAL B 285 -8.23 1.74 12.79
CA VAL B 285 -7.84 1.32 14.14
C VAL B 285 -6.36 0.96 14.14
N ASN B 286 -5.80 0.78 12.94
CA ASN B 286 -4.40 0.40 12.91
C ASN B 286 -3.51 1.61 12.84
N TYR B 287 -4.12 2.74 12.45
CA TYR B 287 -3.51 4.04 12.73
C TYR B 287 -3.49 4.28 14.28
N THR B 288 -4.59 3.98 14.99
CA THR B 288 -4.63 4.03 16.44
C THR B 288 -3.56 3.10 17.06
N ASN B 289 -3.46 1.91 16.49
CA ASN B 289 -2.60 0.86 17.01
C ASN B 289 -1.12 1.27 16.90
N GLY B 290 -0.74 1.75 15.72
CA GLY B 290 0.61 2.24 15.56
C GLY B 290 0.97 3.44 16.42
N MET B 291 0.02 4.34 16.65
CA MET B 291 0.25 5.52 17.47
C MET B 291 0.46 5.12 18.91
N LEU B 292 -0.31 4.15 19.39
CA LEU B 292 -0.08 3.62 20.73
C LEU B 292 1.34 3.07 20.83
N ALA B 293 1.79 2.32 19.83
CA ALA B 293 3.09 1.69 19.94
C ALA B 293 4.14 2.78 20.01
N ALA B 294 4.06 3.71 19.07
CA ALA B 294 4.94 4.86 19.03
C ALA B 294 4.88 5.70 20.33
N ALA B 295 3.67 5.93 20.84
CA ALA B 295 3.50 6.67 22.13
C ALA B 295 4.17 5.97 23.31
N ILE B 296 3.95 4.68 23.46
CA ILE B 296 4.72 3.99 24.47
C ILE B 296 6.27 4.14 24.32
N ALA B 297 6.76 3.97 23.09
CA ALA B 297 8.21 4.07 22.82
C ALA B 297 8.71 5.46 23.25
N VAL B 298 7.97 6.49 22.84
CA VAL B 298 8.31 7.86 23.14
C VAL B 298 8.21 8.21 24.64
N GLU B 299 7.12 7.82 25.31
CA GLU B 299 7.03 7.99 26.77
C GLU B 299 8.18 7.29 27.52
N ALA B 300 8.64 6.14 27.05
CA ALA B 300 9.69 5.44 27.76
C ALA B 300 10.99 6.22 27.58
N ILE B 301 11.24 6.69 26.36
CA ILE B 301 12.41 7.47 26.11
C ILE B 301 12.35 8.74 27.00
N ARG B 302 11.20 9.42 26.98
CA ARG B 302 10.98 10.58 27.84
C ARG B 302 11.30 10.31 29.31
N ARG B 303 10.82 9.17 29.84
CA ARG B 303 11.03 8.91 31.26
C ARG B 303 12.48 8.60 31.56
N ALA B 304 13.14 7.84 30.68
CA ALA B 304 14.58 7.53 30.74
C ALA B 304 15.48 8.77 30.81
N GLN B 305 15.21 9.72 29.90
CA GLN B 305 15.82 11.03 29.90
C GLN B 305 15.69 11.72 31.25
N GLU B 306 14.47 11.77 31.74
CA GLU B 306 14.16 12.48 32.99
C GLU B 306 14.75 11.76 34.21
N ARG B 307 14.65 10.44 34.26
CA ARG B 307 15.15 9.68 35.41
C ARG B 307 16.68 9.54 35.35
N PHE B 308 17.23 9.22 34.18
CA PHE B 308 18.64 8.79 34.10
C PHE B 308 19.58 9.72 33.33
N LYS B 309 19.06 10.77 32.69
CA LYS B 309 19.91 11.69 31.92
C LYS B 309 20.65 11.01 30.76
N ARG B 310 20.23 9.80 30.42
CA ARG B 310 20.82 9.07 29.31
C ARG B 310 19.75 8.20 28.66
N ILE B 311 19.86 8.09 27.35
CA ILE B 311 18.89 7.37 26.60
C ILE B 311 19.59 6.18 25.95
N THR B 312 19.31 5.01 26.51
CA THR B 312 19.92 3.77 26.08
C THR B 312 18.89 2.62 26.08
N ASN B 313 19.26 1.48 25.50
CA ASN B 313 18.44 0.29 25.62
C ASN B 313 18.21 -0.04 27.08
N GLU B 314 19.20 0.18 27.94
CA GLU B 314 19.10 -0.18 29.35
C GLU B 314 18.12 0.76 30.07
N THR B 315 18.23 2.08 29.83
CA THR B 315 17.40 3.06 30.58
C THR B 315 15.93 3.07 30.09
N VAL B 316 15.76 2.77 28.80
CA VAL B 316 14.42 2.67 28.21
C VAL B 316 13.69 1.46 28.80
N TYR B 317 14.39 0.34 28.89
CA TYR B 317 13.91 -0.86 29.55
C TYR B 317 13.47 -0.56 31.00
N GLN B 318 14.28 0.18 31.75
CA GLN B 318 13.95 0.47 33.15
C GLN B 318 12.70 1.36 33.23
N ALA B 319 12.56 2.24 32.24
CA ALA B 319 11.43 3.13 32.18
C ALA B 319 10.18 2.39 31.74
N ILE B 320 10.31 1.31 30.99
CA ILE B 320 9.17 0.48 30.66
C ILE B 320 8.73 -0.35 31.85
N VAL B 321 9.61 -1.10 32.50
CA VAL B 321 9.19 -1.98 33.62
C VAL B 321 8.72 -1.25 34.92
N GLY B 322 8.92 0.06 34.94
CA GLY B 322 8.46 0.93 36.05
C GLY B 322 7.16 1.63 35.67
N MET B 323 6.69 1.38 34.44
CA MET B 323 5.46 1.98 33.89
C MET B 323 4.21 1.27 34.49
N ASN B 324 3.97 1.47 35.79
CA ASN B 324 2.87 0.81 36.50
C ASN B 324 2.49 1.58 37.74
N GLY B 325 1.47 1.10 38.42
CA GLY B 325 0.90 1.78 39.58
C GLY B 325 0.56 3.23 39.26
N PRO B 326 1.08 4.14 40.11
CA PRO B 326 0.99 5.60 39.99
C PRO B 326 1.67 6.11 38.72
N ASN B 327 2.53 5.27 38.13
CA ASN B 327 3.28 5.63 36.93
C ASN B 327 2.77 4.94 35.67
N ALA B 328 1.64 4.25 35.76
CA ALA B 328 1.03 3.70 34.56
C ALA B 328 0.86 4.83 33.53
N PHE B 329 0.75 4.46 32.26
CA PHE B 329 0.70 5.44 31.16
C PHE B 329 -0.74 5.44 30.60
N LYS B 330 -1.32 6.62 30.41
CA LYS B 330 -2.73 6.72 29.97
C LYS B 330 -2.99 7.70 28.84
N PRO B 331 -2.45 7.37 27.64
CA PRO B 331 -2.60 8.20 26.47
C PRO B 331 -4.04 8.21 25.92
N GLY B 332 -4.86 7.19 26.23
CA GLY B 332 -6.27 7.13 25.76
C GLY B 332 -6.48 6.52 24.38
N PHE B 333 -5.71 5.49 24.04
CA PHE B 333 -5.89 4.80 22.76
C PHE B 333 -6.62 3.49 22.96
N ALA B 334 -6.39 2.88 24.12
CA ALA B 334 -6.92 1.55 24.42
C ALA B 334 -7.78 1.54 25.68
N VAL B 335 -8.69 0.58 25.75
CA VAL B 335 -9.63 0.54 26.86
C VAL B 335 -8.93 0.10 28.10
N SER B 336 -9.52 0.44 29.23
CA SER B 336 -9.09 -0.14 30.48
C SER B 336 -10.30 -0.73 31.18
N THR B 337 -10.07 -1.79 31.97
CA THR B 337 -11.06 -2.32 32.94
C THR B 337 -11.36 -1.30 34.06
N LYS B 338 -12.42 -1.53 34.82
CA LYS B 338 -12.83 -0.62 35.91
C LYS B 338 -11.84 -0.53 37.09
N GLN B 339 -11.33 -1.69 37.52
CA GLN B 339 -10.32 -1.75 38.59
C GLN B 339 -8.93 -1.36 38.01
N GLY B 340 -8.75 -1.64 36.72
CA GLY B 340 -7.47 -1.47 36.05
C GLY B 340 -7.23 -0.08 35.48
N VAL B 341 -6.16 0.00 34.70
CA VAL B 341 -5.56 1.22 34.22
C VAL B 341 -5.12 0.93 32.76
N GLU B 342 -4.89 1.96 31.94
CA GLU B 342 -4.59 1.75 30.50
C GLU B 342 -3.31 0.95 30.15
N ILE B 343 -2.13 1.52 30.33
CA ILE B 343 -0.89 0.85 29.92
C ILE B 343 -0.01 0.63 31.16
N ASP B 344 0.23 -0.63 31.53
CA ASP B 344 1.11 -0.89 32.67
C ASP B 344 1.96 -2.12 32.41
N PHE B 345 3.25 -2.00 32.65
CA PHE B 345 4.17 -3.15 32.53
C PHE B 345 4.95 -3.28 33.79
N THR B 346 5.35 -4.52 34.10
CA THR B 346 6.36 -4.78 35.12
C THR B 346 7.38 -5.75 34.50
N LYS B 347 8.48 -6.04 35.23
CA LYS B 347 9.47 -7.07 34.84
C LYS B 347 8.76 -8.39 34.55
N SER B 348 7.52 -8.50 35.01
CA SER B 348 6.86 -9.75 35.09
C SER B 348 5.55 -9.70 34.28
N GLU B 349 5.05 -8.50 34.04
CA GLU B 349 3.80 -8.31 33.31
C GLU B 349 4.11 -7.61 31.99
N HIS B 350 4.12 -8.35 30.90
CA HIS B 350 4.60 -7.82 29.61
C HIS B 350 3.50 -7.49 28.63
N THR B 351 2.26 -7.34 29.10
CA THR B 351 1.14 -6.94 28.26
C THR B 351 0.59 -5.55 28.73
N GLY B 352 0.47 -4.59 27.83
CA GLY B 352 0.14 -3.24 28.23
C GLY B 352 -1.28 -3.15 28.73
N ALA B 353 -2.21 -3.07 27.77
CA ALA B 353 -3.62 -2.92 28.03
C ALA B 353 -4.19 -4.29 28.04
N GLU B 354 -4.57 -4.77 29.22
CA GLU B 354 -4.98 -6.16 29.41
C GLU B 354 -6.48 -6.39 29.04
N GLY B 355 -7.26 -5.32 28.96
CA GLY B 355 -8.70 -5.47 28.64
C GLY B 355 -9.05 -5.44 27.17
N LEU B 356 -10.16 -6.07 26.82
CA LEU B 356 -10.64 -5.94 25.45
C LEU B 356 -12.16 -5.78 25.45
N ARG B 357 -12.73 -5.57 24.27
CA ARG B 357 -14.16 -5.50 24.13
C ARG B 357 -14.59 -6.30 22.92
N ILE B 358 -15.87 -6.68 22.90
CA ILE B 358 -16.49 -7.18 21.66
C ILE B 358 -17.36 -6.09 21.10
N LEU B 359 -17.18 -5.82 19.80
CA LEU B 359 -18.02 -4.86 19.09
C LEU B 359 -18.70 -5.50 17.90
N GLU B 360 -19.83 -4.89 17.50
CA GLU B 360 -20.61 -5.42 16.42
C GLU B 360 -20.82 -4.38 15.37
N ALA B 361 -20.65 -4.74 14.13
CA ALA B 361 -20.89 -3.85 13.02
C ALA B 361 -22.38 -3.65 12.84
N LYS B 362 -22.90 -2.46 13.08
CA LYS B 362 -24.27 -2.09 12.69
C LYS B 362 -24.32 -0.75 12.01
N GLY B 363 -24.97 -0.70 10.84
CA GLY B 363 -24.98 0.50 9.98
C GLY B 363 -23.60 1.00 9.63
N GLY B 364 -22.68 0.08 9.28
CA GLY B 364 -21.33 0.47 8.82
C GLY B 364 -20.42 1.04 9.88
N ARG B 365 -20.67 0.69 11.13
CA ARG B 365 -19.88 1.21 12.24
C ARG B 365 -19.82 0.16 13.31
N PHE B 366 -18.63 -0.03 13.88
CA PHE B 366 -18.51 -0.98 14.98
C PHE B 366 -18.93 -0.37 16.29
N VAL B 367 -19.85 -1.04 16.97
CA VAL B 367 -20.50 -0.56 18.19
C VAL B 367 -20.15 -1.52 19.34
N PRO B 368 -19.63 -1.01 20.47
CA PRO B 368 -19.34 -1.90 21.58
C PRO B 368 -20.59 -2.61 22.09
N VAL B 369 -20.44 -3.88 22.40
CA VAL B 369 -21.55 -4.68 22.78
C VAL B 369 -21.23 -5.23 24.21
N THR B 370 -20.09 -4.86 24.71
CA THR B 370 -19.60 -5.29 25.99
C THR B 370 -18.83 -4.17 26.57
N GLU B 371 -18.59 -4.28 27.84
CA GLU B 371 -17.69 -3.48 28.57
C GLU B 371 -16.28 -4.07 28.44
N PRO B 372 -15.28 -3.35 28.80
CA PRO B 372 -13.98 -3.97 28.79
C PRO B 372 -13.89 -5.10 29.79
N PHE B 373 -13.20 -6.16 29.44
CA PHE B 373 -13.05 -7.33 30.33
C PHE B 373 -11.80 -8.12 29.94
N THR B 374 -11.44 -9.09 30.78
CA THR B 374 -10.37 -10.06 30.52
C THR B 374 -10.95 -11.48 30.66
N SER B 375 -10.32 -12.43 29.99
CA SER B 375 -10.89 -13.78 29.91
C SER B 375 -10.19 -14.67 30.88
N ALA B 376 -10.86 -15.07 31.95
CA ALA B 376 -10.29 -16.10 32.85
C ALA B 376 -10.00 -17.38 32.09
N LEU B 377 -10.86 -17.69 31.12
CA LEU B 377 -10.71 -18.95 30.38
C LEU B 377 -9.41 -18.94 29.64
N PHE B 378 -9.03 -17.77 29.12
CA PHE B 378 -7.77 -17.69 28.42
C PHE B 378 -6.60 -18.05 29.35
N ARG B 379 -6.59 -17.47 30.55
CA ARG B 379 -5.56 -17.75 31.54
C ARG B 379 -5.56 -19.23 31.96
N LYS B 380 -6.75 -19.87 32.02
CA LYS B 380 -6.84 -21.29 32.34
C LYS B 380 -6.11 -22.12 31.27
N VAL B 381 -6.52 -21.96 30.00
CA VAL B 381 -5.95 -22.81 28.95
C VAL B 381 -4.50 -22.46 28.62
N HIS B 382 -4.15 -21.19 28.67
CA HIS B 382 -2.80 -20.87 28.26
C HIS B 382 -1.78 -21.04 29.37
N TYR B 383 -2.08 -20.57 30.58
CA TYR B 383 -1.17 -20.66 31.72
C TYR B 383 -1.42 -21.82 32.69
N GLY B 384 -2.66 -22.30 32.80
CA GLY B 384 -3.04 -23.27 33.83
C GLY B 384 -3.32 -22.59 35.16
#